data_4Z69
#
_entry.id   4Z69
#
_cell.length_a   38.396
_cell.length_b   95.003
_cell.length_c   96.339
_cell.angle_alpha   105.00
_cell.angle_beta   101.45
_cell.angle_gamma   89.97
#
_symmetry.space_group_name_H-M   'P 1'
#
loop_
_entity.id
_entity.type
_entity.pdbx_description
1 polymer 'Serum albumin'
2 non-polymer 'PENTADECANOIC ACID'
3 non-polymer 'PALMITIC ACID'
4 non-polymer '2-[2,6-DICHLOROPHENYL)AMINO]BENZENEACETIC ACID'
5 water water
#
_entity_poly.entity_id   1
_entity_poly.type   'polypeptide(L)'
_entity_poly.pdbx_seq_one_letter_code
;DAHKSEVAHRFKDLGEENFKALVLIAFAQYLQQCPFEDHVKLVNEVTEFAKTCVADESAENCDKSLHTLFGDKLCTVATL
RETYGEMADCCAKQEPERNECFLQHKDDNPNLPRLVRPEVDVMCTAFHDNEETFLKKYLYEIARRHPYFYAPELLFFAKR
YKAAFTECCQAADKAACLLPKLDELRDEGKASSAKQRLKCASLQKFGERAFKAWAVARLSQRFPKAEFAEVSKLVTDLTK
VHTECCHGDLLECADDRADLAKYICENQDSISSKLKECCEKPLLEKSHCIAEVENDEMPADLPSLAADFVESKDVCKNYA
EAKDVFLGMFLYEYARRHPDYSVVLLLRLAKTYETTLEKCCAAADPHECYAKVFDEFKPLVEEPQNLIKQNCELFEQLGE
YKFQNALLVRYTKKVPQVSTPTLVEVSRNLGKVGSKCCKHPEAKRMPCAEDYLSVVLNQLCVLHEKTPVSDRVTKCCTES
LVNRRPCFSALEVDETYVPKEFNAETFTFHADICTLSEKERQIKKQTALVELVKHKPKATKEQLKAVMDDFAAFVEKCCK
ADDKETCFAEEGKKLVAASQAALGL
;
_entity_poly.pdbx_strand_id   A,I
#
# COMPACT_ATOMS: atom_id res chain seq x y z
N HIS A 3 8.80 -1.13 -14.33
CA HIS A 3 8.78 0.19 -14.97
C HIS A 3 10.13 0.56 -15.60
N LYS A 4 10.66 -0.34 -16.41
CA LYS A 4 11.74 -0.01 -17.33
C LYS A 4 11.37 1.12 -18.28
N SER A 5 10.08 1.36 -18.49
CA SER A 5 9.69 2.44 -19.39
C SER A 5 8.48 3.15 -18.84
N GLU A 6 8.70 4.31 -18.22
CA GLU A 6 7.60 5.13 -17.73
C GLU A 6 6.56 5.41 -18.81
N VAL A 7 6.98 5.71 -20.05
CA VAL A 7 5.98 6.06 -21.05
C VAL A 7 5.05 4.90 -21.27
N ALA A 8 5.62 3.73 -21.48
CA ALA A 8 4.83 2.54 -21.71
C ALA A 8 3.86 2.29 -20.55
N HIS A 9 4.36 2.36 -19.31
CA HIS A 9 3.53 2.11 -18.14
C HIS A 9 2.35 3.05 -18.10
N ARG A 10 2.60 4.34 -18.36
CA ARG A 10 1.50 5.31 -18.29
C ARG A 10 0.49 5.01 -19.38
N PHE A 11 1.01 4.61 -20.54
CA PHE A 11 0.18 4.32 -21.67
C PHE A 11 -0.71 3.10 -21.38
N LYS A 12 -0.17 2.13 -20.65
CA LYS A 12 -0.94 0.92 -20.36
C LYS A 12 -2.04 1.19 -19.36
N ASP A 13 -1.73 1.90 -18.29
CA ASP A 13 -2.73 2.19 -17.25
C ASP A 13 -3.80 3.19 -17.70
N LEU A 14 -3.45 4.05 -18.64
CA LEU A 14 -4.31 5.18 -19.00
C LEU A 14 -5.15 4.82 -20.22
N GLY A 15 -4.62 3.94 -21.07
CA GLY A 15 -5.28 3.65 -22.33
C GLY A 15 -5.04 4.77 -23.32
N GLU A 16 -4.92 4.42 -24.59
CA GLU A 16 -4.59 5.40 -25.61
C GLU A 16 -5.39 6.71 -25.55
N GLU A 17 -6.71 6.61 -25.48
CA GLU A 17 -7.54 7.82 -25.57
C GLU A 17 -7.25 8.77 -24.46
N ASN A 18 -7.25 8.26 -23.22
CA ASN A 18 -6.93 9.12 -22.10
C ASN A 18 -5.47 9.67 -22.14
N PHE A 19 -4.54 8.81 -22.52
CA PHE A 19 -3.15 9.21 -22.66
C PHE A 19 -3.09 10.42 -23.55
N LYS A 20 -3.68 10.31 -24.76
CA LYS A 20 -3.60 11.34 -25.80
C LYS A 20 -4.24 12.62 -25.29
N ALA A 21 -5.29 12.50 -24.52
CA ALA A 21 -5.96 13.70 -24.08
C ALA A 21 -5.11 14.37 -22.99
N LEU A 22 -4.49 13.56 -22.13
CA LEU A 22 -3.67 14.16 -21.08
C LEU A 22 -2.38 14.78 -21.66
N VAL A 23 -1.82 14.15 -22.68
CA VAL A 23 -0.66 14.75 -23.33
C VAL A 23 -1.03 16.13 -23.87
N LEU A 24 -2.24 16.26 -24.42
CA LEU A 24 -2.66 17.55 -24.99
C LEU A 24 -2.74 18.61 -23.92
N ILE A 25 -3.40 18.29 -22.81
CA ILE A 25 -3.55 19.24 -21.73
C ILE A 25 -2.16 19.69 -21.23
N ALA A 26 -1.25 18.74 -21.10
CA ALA A 26 0.10 19.00 -20.61
C ALA A 26 0.79 20.00 -21.48
N PHE A 27 0.90 19.67 -22.77
CA PHE A 27 1.57 20.54 -23.72
C PHE A 27 0.85 21.92 -23.81
N ALA A 28 -0.47 21.91 -23.70
CA ALA A 28 -1.21 23.16 -23.74
C ALA A 28 -0.88 23.98 -22.51
N GLN A 29 -0.66 23.31 -21.38
CA GLN A 29 -0.42 24.04 -20.16
C GLN A 29 0.99 24.65 -20.08
N TYR A 30 1.90 24.21 -20.95
CA TYR A 30 3.27 24.75 -20.96
C TYR A 30 3.55 25.68 -22.14
N LEU A 31 3.23 25.24 -23.35
CA LEU A 31 3.31 26.09 -24.54
C LEU A 31 1.99 26.78 -24.79
N GLN A 32 1.65 27.72 -23.91
CA GLN A 32 0.33 28.33 -23.92
C GLN A 32 0.05 29.26 -25.11
N GLN A 33 0.99 29.36 -26.04
CA GLN A 33 0.87 30.33 -27.14
C GLN A 33 0.93 29.65 -28.50
N CYS A 34 1.27 28.39 -28.53
CA CYS A 34 1.28 27.68 -29.79
C CYS A 34 -0.16 27.40 -30.18
N PRO A 35 -0.43 27.34 -31.51
CA PRO A 35 -1.77 26.99 -31.97
C PRO A 35 -2.08 25.49 -31.76
N PHE A 36 -3.36 25.22 -31.54
CA PHE A 36 -3.89 23.88 -31.40
C PHE A 36 -3.23 22.87 -32.35
N GLU A 37 -3.24 23.18 -33.64
CA GLU A 37 -2.72 22.25 -34.63
C GLU A 37 -1.27 21.85 -34.32
N ASP A 38 -0.52 22.77 -33.73
CA ASP A 38 0.84 22.49 -33.30
C ASP A 38 0.82 21.36 -32.28
N HIS A 39 0.10 21.59 -31.20
CA HIS A 39 -0.06 20.60 -30.14
C HIS A 39 -0.47 19.23 -30.67
N VAL A 40 -1.41 19.19 -31.61
CA VAL A 40 -1.91 17.90 -32.07
C VAL A 40 -0.79 17.07 -32.67
N LYS A 41 0.14 17.70 -33.36
CA LYS A 41 1.26 16.98 -33.97
C LYS A 41 2.23 16.48 -32.89
N LEU A 42 2.34 17.25 -31.81
CA LEU A 42 3.16 16.84 -30.66
C LEU A 42 2.57 15.61 -29.99
N VAL A 43 1.32 15.74 -29.55
CA VAL A 43 0.56 14.61 -29.03
C VAL A 43 0.80 13.37 -29.90
N ASN A 44 0.64 13.50 -31.21
CA ASN A 44 0.66 12.31 -32.06
C ASN A 44 2.04 11.70 -32.10
N GLU A 45 3.04 12.58 -32.05
CA GLU A 45 4.44 12.16 -31.99
C GLU A 45 4.73 11.43 -30.68
N VAL A 46 4.34 12.03 -29.57
CA VAL A 46 4.54 11.37 -28.28
C VAL A 46 3.79 10.05 -28.28
N THR A 47 2.54 10.10 -28.71
CA THR A 47 1.71 8.91 -28.72
C THR A 47 2.30 7.81 -29.58
N GLU A 48 2.72 8.17 -30.79
CA GLU A 48 3.30 7.20 -31.70
C GLU A 48 4.59 6.62 -31.07
N PHE A 49 5.36 7.45 -30.39
CA PHE A 49 6.53 6.95 -29.69
C PHE A 49 6.12 5.99 -28.59
N ALA A 50 5.18 6.43 -27.77
CA ALA A 50 4.63 5.61 -26.71
C ALA A 50 4.35 4.16 -27.13
N LYS A 51 3.67 3.95 -28.26
CA LYS A 51 3.36 2.59 -28.72
C LYS A 51 4.63 1.77 -29.02
N THR A 52 5.62 2.47 -29.54
CA THR A 52 6.94 1.87 -29.74
C THR A 52 7.38 1.20 -28.44
N CYS A 53 7.13 1.89 -27.34
CA CYS A 53 7.62 1.43 -26.05
C CYS A 53 6.74 0.31 -25.47
N VAL A 54 5.42 0.50 -25.44
CA VAL A 54 4.47 -0.57 -25.15
C VAL A 54 4.80 -1.86 -25.91
N ALA A 55 5.15 -1.72 -27.17
CA ALA A 55 5.49 -2.89 -27.99
C ALA A 55 6.77 -3.52 -27.49
N ASP A 56 7.67 -2.71 -26.93
CA ASP A 56 8.99 -3.18 -26.52
C ASP A 56 9.75 -2.16 -25.62
N GLU A 57 9.60 -2.33 -24.30
CA GLU A 57 10.11 -1.36 -23.32
C GLU A 57 11.62 -1.10 -23.45
N SER A 58 12.31 -1.97 -24.19
CA SER A 58 13.75 -1.81 -24.41
C SER A 58 14.12 -0.99 -25.64
N ALA A 59 13.17 -0.77 -26.56
CA ALA A 59 13.45 0.04 -27.75
C ALA A 59 13.99 1.43 -27.36
N GLU A 60 14.85 1.99 -28.22
CA GLU A 60 15.61 3.21 -27.89
C GLU A 60 14.78 4.31 -27.24
N ASN A 61 15.34 4.93 -26.21
CA ASN A 61 14.71 6.11 -25.60
C ASN A 61 13.50 5.82 -24.71
N CYS A 62 12.95 4.61 -24.81
CA CYS A 62 11.82 4.21 -23.94
C CYS A 62 12.22 4.16 -22.48
N ASP A 63 13.51 3.98 -22.22
CA ASP A 63 13.97 3.99 -20.85
C ASP A 63 14.09 5.40 -20.27
N LYS A 64 13.98 6.44 -21.10
CA LYS A 64 14.09 7.81 -20.56
C LYS A 64 12.94 8.09 -19.61
N SER A 65 13.17 9.00 -18.67
CA SER A 65 12.10 9.41 -17.78
C SER A 65 11.10 10.32 -18.52
N LEU A 66 9.89 10.40 -17.99
CA LEU A 66 8.85 11.24 -18.59
C LEU A 66 9.26 12.72 -18.59
N HIS A 67 9.68 13.22 -17.44
CA HIS A 67 10.23 14.57 -17.35
C HIS A 67 11.24 14.86 -18.45
N THR A 68 12.09 13.89 -18.75
CA THR A 68 13.13 14.06 -19.76
C THR A 68 12.54 14.08 -21.16
N LEU A 69 11.60 13.18 -21.43
CA LEU A 69 10.93 13.14 -22.72
C LEU A 69 10.07 14.38 -22.95
N PHE A 70 9.27 14.74 -21.95
CA PHE A 70 8.46 15.93 -22.09
C PHE A 70 9.36 17.09 -22.40
N GLY A 71 10.38 17.26 -21.57
CA GLY A 71 11.31 18.37 -21.71
C GLY A 71 11.99 18.39 -23.06
N ASP A 72 12.40 17.21 -23.52
CA ASP A 72 13.03 17.14 -24.82
C ASP A 72 12.09 17.66 -25.90
N LYS A 73 10.83 17.26 -25.83
CA LYS A 73 9.86 17.70 -26.83
C LYS A 73 9.77 19.22 -26.84
N LEU A 74 9.55 19.80 -25.66
CA LEU A 74 9.47 21.24 -25.53
C LEU A 74 10.65 21.92 -26.25
N CYS A 75 11.86 21.39 -26.04
CA CYS A 75 13.05 22.05 -26.53
C CYS A 75 13.28 21.80 -28.00
N THR A 76 12.33 21.14 -28.65
CA THR A 76 12.40 20.94 -30.10
C THR A 76 11.39 21.80 -30.82
N VAL A 77 10.59 22.56 -30.07
CA VAL A 77 9.81 23.64 -30.66
C VAL A 77 10.75 24.75 -31.19
N ALA A 78 10.92 24.80 -32.52
CA ALA A 78 11.87 25.74 -33.13
C ALA A 78 11.58 27.20 -32.77
N THR A 79 10.30 27.54 -32.70
CA THR A 79 9.88 28.89 -32.35
C THR A 79 9.95 29.19 -30.85
N LEU A 80 10.62 28.34 -30.07
CA LEU A 80 10.57 28.49 -28.61
C LEU A 80 11.07 29.85 -28.13
N ARG A 81 12.28 30.23 -28.55
CA ARG A 81 12.85 31.50 -28.09
C ARG A 81 12.07 32.71 -28.57
N GLU A 82 11.66 32.71 -29.83
CA GLU A 82 10.91 33.85 -30.37
C GLU A 82 9.63 34.02 -29.58
N THR A 83 8.86 32.95 -29.46
CA THR A 83 7.55 33.06 -28.85
C THR A 83 7.61 33.26 -27.34
N TYR A 84 8.44 32.47 -26.67
CA TYR A 84 8.36 32.35 -25.22
C TYR A 84 9.52 33.01 -24.45
N GLY A 85 10.55 33.42 -25.18
CA GLY A 85 11.67 34.16 -24.60
C GLY A 85 12.50 33.40 -23.58
N GLU A 86 12.56 33.91 -22.34
CA GLU A 86 13.37 33.29 -21.28
C GLU A 86 13.23 31.79 -21.37
N MET A 87 11.96 31.36 -21.46
CA MET A 87 11.63 29.93 -21.39
C MET A 87 12.61 29.06 -22.16
N ALA A 88 12.94 29.47 -23.38
CA ALA A 88 13.84 28.63 -24.16
C ALA A 88 15.19 28.51 -23.47
N ASP A 89 15.49 29.41 -22.52
CA ASP A 89 16.72 29.28 -21.73
C ASP A 89 16.72 28.05 -20.83
N CYS A 90 15.54 27.58 -20.47
CA CYS A 90 15.45 26.36 -19.69
C CYS A 90 16.14 25.19 -20.42
N CYS A 91 16.11 25.20 -21.74
CA CYS A 91 16.67 24.08 -22.50
C CYS A 91 18.18 23.96 -22.34
N ALA A 92 18.84 25.01 -21.87
CA ALA A 92 20.27 24.89 -21.57
C ALA A 92 20.56 24.20 -20.24
N LYS A 93 19.54 23.98 -19.42
CA LYS A 93 19.69 23.30 -18.12
C LYS A 93 19.50 21.80 -18.22
N GLN A 94 20.35 21.04 -17.56
CA GLN A 94 20.17 19.59 -17.51
C GLN A 94 19.02 19.27 -16.55
N GLU A 95 18.59 18.02 -16.57
CA GLU A 95 17.21 17.75 -16.18
C GLU A 95 16.71 18.44 -14.93
N PRO A 96 16.96 17.85 -13.75
CA PRO A 96 16.03 18.25 -12.67
C PRO A 96 15.78 19.77 -12.69
N GLU A 97 16.87 20.52 -12.88
CA GLU A 97 16.77 21.96 -13.08
C GLU A 97 15.84 22.34 -14.26
N ARG A 98 15.94 21.64 -15.39
CA ARG A 98 15.14 21.99 -16.56
C ARG A 98 13.63 21.99 -16.29
N ASN A 99 13.11 20.82 -15.91
CA ASN A 99 11.69 20.70 -15.57
C ASN A 99 11.26 21.79 -14.59
N GLU A 100 12.11 22.06 -13.59
CA GLU A 100 11.80 23.07 -12.60
C GLU A 100 11.72 24.46 -13.22
N CYS A 101 12.65 24.76 -14.10
CA CYS A 101 12.63 26.04 -14.83
C CYS A 101 11.32 26.17 -15.66
N PHE A 102 11.00 25.16 -16.47
CA PHE A 102 9.76 25.17 -17.25
C PHE A 102 8.55 25.43 -16.35
N LEU A 103 8.50 24.69 -15.24
CA LEU A 103 7.42 24.83 -14.28
C LEU A 103 7.24 26.30 -13.95
N GLN A 104 8.34 26.94 -13.57
CA GLN A 104 8.34 28.35 -13.17
C GLN A 104 7.79 29.34 -14.23
N HIS A 105 7.94 29.02 -15.52
CA HIS A 105 7.55 29.94 -16.59
C HIS A 105 6.13 29.74 -17.11
N LYS A 106 5.37 28.87 -16.47
CA LYS A 106 3.94 28.82 -16.73
C LYS A 106 3.35 30.19 -16.47
N ASP A 107 2.51 30.65 -17.39
CA ASP A 107 1.94 31.98 -17.28
C ASP A 107 0.47 31.93 -16.81
N ASP A 108 0.26 32.00 -15.49
CA ASP A 108 -1.10 32.04 -14.94
C ASP A 108 -1.74 33.36 -15.33
N ASN A 109 -2.96 33.31 -15.86
CA ASN A 109 -3.60 34.52 -16.37
C ASN A 109 -2.75 35.34 -17.35
N PRO A 110 -2.42 34.72 -18.50
CA PRO A 110 -1.74 35.32 -19.64
C PRO A 110 -2.67 36.30 -20.35
N ASN A 111 -2.34 36.66 -21.58
CA ASN A 111 -3.14 37.65 -22.28
C ASN A 111 -3.84 37.05 -23.49
N LEU A 112 -4.98 36.44 -23.23
CA LEU A 112 -5.76 35.77 -24.25
C LEU A 112 -7.19 36.34 -24.23
N PRO A 113 -7.79 36.46 -25.42
CA PRO A 113 -9.15 37.01 -25.50
C PRO A 113 -10.10 36.12 -24.75
N ARG A 114 -11.20 36.66 -24.24
CA ARG A 114 -12.20 35.86 -23.51
C ARG A 114 -12.78 34.78 -24.42
N LEU A 115 -12.97 33.59 -23.88
CA LEU A 115 -13.53 32.49 -24.67
C LEU A 115 -15.02 32.68 -24.90
N VAL A 116 -15.40 32.81 -26.17
CA VAL A 116 -16.81 33.04 -26.51
C VAL A 116 -17.53 31.70 -26.73
N ARG A 117 -18.66 31.56 -26.05
CA ARG A 117 -19.59 30.45 -26.29
C ARG A 117 -20.33 30.73 -27.58
N PRO A 118 -20.14 29.88 -28.61
CA PRO A 118 -20.88 30.13 -29.85
C PRO A 118 -22.36 29.85 -29.65
N GLU A 119 -23.16 30.16 -30.67
CA GLU A 119 -24.59 29.85 -30.63
C GLU A 119 -24.80 28.33 -30.65
N VAL A 120 -25.86 27.88 -29.98
CA VAL A 120 -26.21 26.46 -29.92
C VAL A 120 -26.10 25.71 -31.25
N ASP A 121 -26.64 26.29 -32.32
CA ASP A 121 -26.65 25.66 -33.63
C ASP A 121 -25.23 25.34 -34.06
N VAL A 122 -24.38 26.36 -33.96
CA VAL A 122 -22.97 26.28 -34.33
C VAL A 122 -22.27 25.14 -33.58
N MET A 123 -22.47 25.11 -32.28
CA MET A 123 -21.89 24.07 -31.44
C MET A 123 -22.34 22.67 -31.88
N CYS A 124 -23.65 22.40 -31.85
CA CYS A 124 -24.14 21.07 -32.21
C CYS A 124 -23.63 20.64 -33.59
N THR A 125 -23.53 21.59 -34.51
CA THR A 125 -23.04 21.29 -35.85
C THR A 125 -21.54 21.00 -35.88
N ALA A 126 -20.75 21.71 -35.07
CA ALA A 126 -19.31 21.42 -35.03
C ALA A 126 -19.09 20.06 -34.35
N PHE A 127 -19.70 19.93 -33.16
CA PHE A 127 -19.71 18.67 -32.41
C PHE A 127 -20.11 17.50 -33.30
N HIS A 128 -21.24 17.62 -33.97
CA HIS A 128 -21.69 16.54 -34.85
C HIS A 128 -20.71 16.30 -35.99
N ASP A 129 -20.17 17.37 -36.57
CA ASP A 129 -19.31 17.23 -37.75
C ASP A 129 -17.92 16.68 -37.42
N ASN A 130 -17.44 16.94 -36.22
CA ASN A 130 -16.10 16.49 -35.88
C ASN A 130 -15.89 16.56 -34.38
N GLU A 131 -16.53 15.61 -33.71
CA GLU A 131 -16.58 15.54 -32.28
C GLU A 131 -15.22 15.81 -31.63
N GLU A 132 -14.22 15.03 -32.00
CA GLU A 132 -12.95 15.07 -31.28
C GLU A 132 -12.28 16.43 -31.29
N THR A 133 -12.04 16.98 -32.47
CA THR A 133 -11.40 18.28 -32.59
C THR A 133 -12.27 19.34 -31.96
N PHE A 134 -13.58 19.15 -32.02
CA PHE A 134 -14.41 20.18 -31.44
C PHE A 134 -14.19 20.21 -29.93
N LEU A 135 -14.19 19.04 -29.28
CA LEU A 135 -14.02 19.01 -27.82
C LEU A 135 -12.55 19.29 -27.39
N LYS A 136 -11.58 18.76 -28.14
CA LYS A 136 -10.17 18.92 -27.78
C LYS A 136 -9.68 20.35 -28.08
N LYS A 137 -10.29 21.01 -29.07
CA LYS A 137 -9.98 22.43 -29.31
C LYS A 137 -10.31 23.19 -28.06
N TYR A 138 -11.50 22.94 -27.51
CA TYR A 138 -11.91 23.67 -26.33
C TYR A 138 -11.19 23.20 -25.09
N LEU A 139 -10.67 21.98 -25.11
CA LEU A 139 -9.90 21.49 -23.97
C LEU A 139 -8.57 22.26 -23.99
N TYR A 140 -8.01 22.38 -25.18
CA TYR A 140 -6.85 23.20 -25.41
C TYR A 140 -7.10 24.64 -24.99
N GLU A 141 -8.20 25.25 -25.46
CA GLU A 141 -8.49 26.65 -25.14
C GLU A 141 -8.57 26.87 -23.64
N ILE A 142 -9.16 25.91 -22.94
CA ILE A 142 -9.35 26.04 -21.50
C ILE A 142 -8.03 25.77 -20.78
N ALA A 143 -7.41 24.65 -21.10
CA ALA A 143 -6.08 24.28 -20.58
C ALA A 143 -5.06 25.44 -20.66
N ARG A 144 -4.85 25.99 -21.85
CA ARG A 144 -3.84 27.01 -22.08
C ARG A 144 -4.09 28.26 -21.24
N ARG A 145 -5.34 28.49 -20.87
CA ARG A 145 -5.69 29.68 -20.10
C ARG A 145 -5.64 29.42 -18.59
N HIS A 146 -5.36 28.18 -18.20
CA HIS A 146 -5.14 27.81 -16.78
C HIS A 146 -4.04 26.76 -16.62
N PRO A 147 -2.78 27.17 -16.75
CA PRO A 147 -1.71 26.18 -16.74
C PRO A 147 -1.53 25.43 -15.41
N TYR A 148 -2.25 25.81 -14.35
CA TYR A 148 -2.16 25.14 -13.04
C TYR A 148 -3.45 24.36 -12.64
N PHE A 149 -4.40 24.26 -13.56
CA PHE A 149 -5.62 23.51 -13.30
C PHE A 149 -5.29 22.03 -13.42
N TYR A 150 -5.55 21.27 -12.36
CA TYR A 150 -5.17 19.85 -12.37
C TYR A 150 -5.67 19.11 -13.63
N ALA A 151 -4.73 18.80 -14.51
CA ALA A 151 -5.07 18.15 -15.77
C ALA A 151 -6.16 17.04 -15.75
N PRO A 152 -6.05 16.05 -14.86
CA PRO A 152 -7.06 14.99 -15.02
C PRO A 152 -8.48 15.49 -14.75
N GLU A 153 -8.58 16.54 -13.95
CA GLU A 153 -9.91 17.04 -13.67
C GLU A 153 -10.46 17.84 -14.85
N LEU A 154 -9.55 18.36 -15.67
CA LEU A 154 -9.89 19.09 -16.87
C LEU A 154 -10.43 18.08 -17.90
N LEU A 155 -9.75 16.94 -18.01
CA LEU A 155 -10.28 15.80 -18.74
C LEU A 155 -11.64 15.35 -18.18
N PHE A 156 -11.86 15.43 -16.86
CA PHE A 156 -13.15 14.99 -16.30
C PHE A 156 -14.29 15.91 -16.72
N PHE A 157 -14.00 17.22 -16.79
CA PHE A 157 -14.96 18.17 -17.33
C PHE A 157 -15.29 17.92 -18.81
N ALA A 158 -14.27 17.64 -19.60
CA ALA A 158 -14.43 17.51 -21.04
C ALA A 158 -15.31 16.29 -21.38
N LYS A 159 -15.18 15.22 -20.61
CA LYS A 159 -16.00 14.04 -20.86
C LYS A 159 -17.47 14.36 -20.55
N ARG A 160 -17.69 15.22 -19.57
CA ARG A 160 -19.02 15.65 -19.21
C ARG A 160 -19.61 16.62 -20.26
N TYR A 161 -18.79 17.52 -20.80
CA TYR A 161 -19.24 18.32 -21.91
C TYR A 161 -19.70 17.41 -23.03
N LYS A 162 -18.90 16.37 -23.30
CA LYS A 162 -19.22 15.39 -24.33
C LYS A 162 -20.63 14.83 -24.16
N ALA A 163 -21.01 14.55 -22.93
CA ALA A 163 -22.32 13.97 -22.64
C ALA A 163 -23.43 15.03 -22.76
N ALA A 164 -23.10 16.29 -22.49
CA ALA A 164 -24.01 17.40 -22.73
C ALA A 164 -24.37 17.52 -24.23
N PHE A 165 -23.37 17.63 -25.11
CA PHE A 165 -23.66 17.74 -26.53
C PHE A 165 -24.32 16.49 -27.14
N THR A 166 -23.94 15.32 -26.64
CA THR A 166 -24.53 14.08 -27.12
C THR A 166 -26.04 14.03 -26.90
N GLU A 167 -26.44 14.27 -25.65
CA GLU A 167 -27.84 14.30 -25.24
C GLU A 167 -28.56 15.47 -25.89
N CYS A 168 -27.94 16.65 -25.86
CA CYS A 168 -28.66 17.85 -26.22
C CYS A 168 -28.77 18.18 -27.71
N CYS A 169 -27.78 17.82 -28.51
CA CYS A 169 -27.84 18.12 -29.94
C CYS A 169 -28.75 17.17 -30.70
N GLN A 170 -29.49 16.33 -29.99
CA GLN A 170 -30.45 15.41 -30.63
C GLN A 170 -31.83 15.81 -30.15
N ALA A 171 -31.88 16.86 -29.34
CA ALA A 171 -33.09 17.18 -28.60
C ALA A 171 -34.05 18.05 -29.38
N ALA A 172 -35.29 18.12 -28.88
CA ALA A 172 -36.33 18.87 -29.55
C ALA A 172 -35.89 20.32 -29.52
N ASP A 173 -35.95 20.88 -28.32
CA ASP A 173 -35.42 22.20 -28.07
C ASP A 173 -33.97 22.08 -27.62
N LYS A 174 -33.08 22.00 -28.60
CA LYS A 174 -31.66 21.92 -28.34
C LYS A 174 -31.23 22.91 -27.25
N ALA A 175 -31.48 24.19 -27.50
CA ALA A 175 -31.03 25.28 -26.65
C ALA A 175 -31.44 25.15 -25.19
N ALA A 176 -32.66 24.69 -24.93
CA ALA A 176 -33.20 24.68 -23.57
C ALA A 176 -32.64 23.50 -22.80
N CYS A 177 -32.09 22.55 -23.53
CA CYS A 177 -31.47 21.40 -22.91
C CYS A 177 -30.05 21.79 -22.55
N LEU A 178 -29.29 22.20 -23.57
CA LEU A 178 -27.87 22.50 -23.46
C LEU A 178 -27.49 23.64 -22.51
N LEU A 179 -28.16 24.78 -22.62
CA LEU A 179 -27.66 25.98 -21.96
C LEU A 179 -27.53 25.87 -20.46
N PRO A 180 -28.56 25.33 -19.78
CA PRO A 180 -28.39 25.13 -18.34
C PRO A 180 -27.23 24.18 -18.05
N LYS A 181 -27.00 23.20 -18.92
CA LYS A 181 -25.89 22.27 -18.71
C LYS A 181 -24.54 23.00 -18.81
N LEU A 182 -24.32 23.72 -19.90
CA LEU A 182 -23.09 24.50 -20.07
C LEU A 182 -22.91 25.51 -18.91
N ASP A 183 -23.97 26.19 -18.52
CA ASP A 183 -23.92 27.06 -17.36
C ASP A 183 -23.52 26.32 -16.09
N GLU A 184 -24.00 25.09 -15.94
CA GLU A 184 -23.66 24.30 -14.75
C GLU A 184 -22.18 23.97 -14.77
N LEU A 185 -21.73 23.42 -15.89
CA LEU A 185 -20.30 23.13 -16.10
C LEU A 185 -19.39 24.33 -15.89
N ARG A 186 -19.71 25.45 -16.54
CA ARG A 186 -18.90 26.66 -16.43
C ARG A 186 -18.79 27.13 -14.99
N ASP A 187 -19.91 27.15 -14.28
CA ASP A 187 -19.90 27.63 -12.91
C ASP A 187 -19.04 26.73 -12.05
N GLU A 188 -19.13 25.41 -12.29
CA GLU A 188 -18.34 24.45 -11.52
C GLU A 188 -16.83 24.56 -11.79
N GLY A 189 -16.45 24.67 -13.07
CA GLY A 189 -15.04 24.78 -13.40
C GLY A 189 -14.43 26.02 -12.76
N LYS A 190 -15.14 27.14 -12.87
CA LYS A 190 -14.72 28.38 -12.24
C LYS A 190 -14.48 28.13 -10.76
N ALA A 191 -15.46 27.49 -10.12
CA ALA A 191 -15.33 27.12 -8.73
C ALA A 191 -14.05 26.31 -8.54
N SER A 192 -14.02 25.09 -9.05
CA SER A 192 -12.86 24.21 -8.90
C SER A 192 -11.55 24.99 -9.06
N SER A 193 -11.41 25.75 -10.13
CA SER A 193 -10.19 26.56 -10.36
C SER A 193 -9.85 27.47 -9.18
N ALA A 194 -10.83 28.19 -8.65
CA ALA A 194 -10.57 29.10 -7.53
C ALA A 194 -10.35 28.35 -6.21
N LYS A 195 -10.92 27.15 -6.11
CA LYS A 195 -10.81 26.34 -4.90
C LYS A 195 -9.39 25.77 -4.80
N GLN A 196 -8.83 25.38 -5.95
CA GLN A 196 -7.45 24.93 -6.00
C GLN A 196 -6.51 26.04 -5.53
N ARG A 197 -6.69 27.25 -6.04
CA ARG A 197 -5.76 28.34 -5.72
C ARG A 197 -5.96 28.71 -4.26
N LEU A 198 -7.20 28.88 -3.86
CA LEU A 198 -7.50 29.15 -2.47
C LEU A 198 -6.80 28.19 -1.49
N LYS A 199 -6.95 26.88 -1.70
CA LYS A 199 -6.40 25.93 -0.73
C LYS A 199 -4.88 26.03 -0.68
N CYS A 200 -4.27 26.29 -1.83
CA CYS A 200 -2.82 26.40 -1.90
C CYS A 200 -2.33 27.68 -1.18
N ALA A 201 -3.02 28.79 -1.38
CA ALA A 201 -2.63 30.05 -0.71
C ALA A 201 -2.89 29.95 0.80
N SER A 202 -3.84 29.11 1.18
CA SER A 202 -4.10 28.91 2.59
C SER A 202 -2.93 28.15 3.21
N LEU A 203 -2.41 27.16 2.48
CA LEU A 203 -1.28 26.35 2.98
C LEU A 203 -0.08 27.25 3.23
N GLN A 204 0.23 28.08 2.24
CA GLN A 204 1.40 28.94 2.30
C GLN A 204 1.26 29.96 3.42
N LYS A 205 0.07 30.49 3.58
CA LYS A 205 -0.12 31.59 4.50
C LYS A 205 -0.27 31.13 5.96
N PHE A 206 -1.05 30.08 6.17
CA PHE A 206 -1.36 29.66 7.54
C PHE A 206 -0.53 28.49 8.04
N GLY A 207 0.03 27.71 7.12
CA GLY A 207 1.01 26.71 7.49
C GLY A 207 0.48 25.29 7.50
N GLU A 208 1.38 24.32 7.47
CA GLU A 208 1.01 22.90 7.51
C GLU A 208 0.03 22.61 8.64
N ARG A 209 0.45 22.92 9.86
CA ARG A 209 -0.36 22.60 11.04
C ARG A 209 -1.83 22.93 10.80
N ALA A 210 -2.14 24.17 10.46
CA ALA A 210 -3.53 24.52 10.22
C ALA A 210 -4.13 23.64 9.12
N PHE A 211 -3.42 23.49 8.00
CA PHE A 211 -3.97 22.68 6.94
C PHE A 211 -4.32 21.29 7.49
N LYS A 212 -3.40 20.72 8.26
CA LYS A 212 -3.58 19.38 8.83
C LYS A 212 -4.83 19.29 9.68
N ALA A 213 -5.13 20.39 10.37
CA ALA A 213 -6.33 20.48 11.20
C ALA A 213 -7.57 20.41 10.31
N TRP A 214 -7.54 21.20 9.26
CA TRP A 214 -8.64 21.24 8.32
C TRP A 214 -8.83 19.81 7.78
N ALA A 215 -7.73 19.16 7.41
CA ALA A 215 -7.78 17.80 6.87
C ALA A 215 -8.45 16.83 7.82
N VAL A 216 -8.02 16.84 9.08
CA VAL A 216 -8.65 16.02 10.12
C VAL A 216 -10.18 16.08 10.06
N ALA A 217 -10.70 17.26 10.36
CA ALA A 217 -12.11 17.54 10.33
C ALA A 217 -12.78 16.90 9.11
N ARG A 218 -12.21 17.21 7.95
CA ARG A 218 -12.73 16.79 6.66
C ARG A 218 -12.75 15.27 6.46
N LEU A 219 -11.64 14.62 6.82
CA LEU A 219 -11.52 13.18 6.65
C LEU A 219 -12.32 12.41 7.68
N SER A 220 -12.53 13.03 8.85
CA SER A 220 -13.30 12.45 9.95
C SER A 220 -14.80 12.42 9.65
N GLN A 221 -15.30 13.48 9.03
CA GLN A 221 -16.71 13.53 8.65
C GLN A 221 -16.99 12.47 7.63
N ARG A 222 -16.03 12.23 6.75
CA ARG A 222 -16.23 11.32 5.64
C ARG A 222 -16.04 9.87 6.04
N PHE A 223 -15.12 9.61 6.96
CA PHE A 223 -14.76 8.26 7.32
C PHE A 223 -14.95 8.01 8.82
N PRO A 224 -16.17 8.24 9.32
CA PRO A 224 -16.36 8.18 10.79
C PRO A 224 -15.97 6.87 11.48
N LYS A 225 -15.97 5.75 10.76
CA LYS A 225 -15.61 4.45 11.36
C LYS A 225 -14.12 4.28 11.54
N ALA A 226 -13.34 5.12 10.85
CA ALA A 226 -11.88 4.96 10.90
C ALA A 226 -11.33 5.34 12.26
N GLU A 227 -10.38 4.53 12.75
CA GLU A 227 -9.66 4.83 13.97
C GLU A 227 -8.83 6.08 13.74
N PHE A 228 -8.62 6.86 14.80
CA PHE A 228 -7.81 8.08 14.73
C PHE A 228 -6.40 7.87 14.16
N ALA A 229 -5.74 6.77 14.54
CA ALA A 229 -4.41 6.48 14.02
C ALA A 229 -4.50 6.43 12.49
N GLU A 230 -5.62 5.95 11.98
CA GLU A 230 -5.84 5.76 10.56
C GLU A 230 -6.09 7.11 9.90
N VAL A 231 -7.06 7.84 10.43
CA VAL A 231 -7.24 9.21 9.99
C VAL A 231 -5.93 9.97 10.03
N SER A 232 -5.20 9.89 11.14
CA SER A 232 -3.95 10.62 11.26
C SER A 232 -2.98 10.31 10.13
N LYS A 233 -2.91 9.02 9.77
CA LYS A 233 -2.03 8.57 8.71
C LYS A 233 -2.45 9.23 7.40
N LEU A 234 -3.76 9.25 7.16
CA LEU A 234 -4.30 9.85 5.94
C LEU A 234 -4.02 11.35 5.91
N VAL A 235 -4.19 12.03 7.05
CA VAL A 235 -3.94 13.48 7.09
C VAL A 235 -2.47 13.77 6.80
N THR A 236 -1.56 13.08 7.50
CA THR A 236 -0.15 13.18 7.18
C THR A 236 0.11 13.11 5.66
N ASP A 237 -0.31 12.02 5.01
CA ASP A 237 -0.10 11.84 3.58
C ASP A 237 -0.82 12.88 2.69
N LEU A 238 -2.08 13.19 2.99
CA LEU A 238 -2.81 14.24 2.30
C LEU A 238 -2.00 15.55 2.30
N THR A 239 -1.58 15.98 3.48
CA THR A 239 -0.78 17.19 3.53
C THR A 239 0.39 17.13 2.54
N LYS A 240 1.05 15.99 2.44
CA LYS A 240 2.20 15.88 1.55
C LYS A 240 1.73 16.01 0.10
N VAL A 241 0.63 15.36 -0.23
CA VAL A 241 0.01 15.45 -1.56
C VAL A 241 -0.28 16.92 -1.92
N HIS A 242 -0.93 17.62 -1.00
CA HIS A 242 -1.32 19.01 -1.22
C HIS A 242 -0.09 19.82 -1.55
N THR A 243 0.95 19.61 -0.76
CA THR A 243 2.16 20.39 -0.86
C THR A 243 2.77 20.18 -2.26
N GLU A 244 2.95 18.92 -2.66
CA GLU A 244 3.43 18.62 -4.01
C GLU A 244 2.51 19.24 -5.08
N CYS A 245 1.22 18.92 -5.04
CA CYS A 245 0.27 19.43 -6.01
C CYS A 245 0.26 20.99 -6.09
N CYS A 246 0.34 21.64 -4.94
CA CYS A 246 0.36 23.09 -4.92
C CYS A 246 1.63 23.60 -5.59
N HIS A 247 2.70 22.82 -5.54
CA HIS A 247 3.93 23.23 -6.18
C HIS A 247 3.84 23.19 -7.71
N GLY A 248 2.95 22.37 -8.25
CA GLY A 248 2.57 22.45 -9.65
C GLY A 248 3.01 21.38 -10.65
N ASP A 249 3.96 20.53 -10.28
CA ASP A 249 4.42 19.49 -11.19
C ASP A 249 3.31 18.46 -11.39
N LEU A 250 2.86 18.30 -12.65
CA LEU A 250 1.76 17.41 -12.96
C LEU A 250 2.03 15.94 -12.54
N LEU A 251 3.16 15.39 -12.98
CA LEU A 251 3.47 13.97 -12.73
C LEU A 251 3.60 13.61 -11.24
N GLU A 252 4.24 14.48 -10.46
CA GLU A 252 4.52 14.16 -9.09
C GLU A 252 3.25 14.32 -8.26
N CYS A 253 2.44 15.33 -8.59
CA CYS A 253 1.13 15.51 -7.93
C CYS A 253 0.27 14.28 -8.12
N ALA A 254 0.36 13.70 -9.32
CA ALA A 254 -0.51 12.60 -9.76
C ALA A 254 -0.07 11.27 -9.16
N ASP A 255 1.23 10.99 -9.19
CA ASP A 255 1.75 9.82 -8.52
C ASP A 255 1.40 9.90 -7.03
N ASP A 256 1.56 11.08 -6.44
CA ASP A 256 1.24 11.21 -5.02
C ASP A 256 -0.22 10.89 -4.79
N ARG A 257 -1.10 11.45 -5.60
CA ARG A 257 -2.52 11.26 -5.37
C ARG A 257 -2.88 9.79 -5.58
N ALA A 258 -2.34 9.21 -6.64
CA ALA A 258 -2.53 7.78 -6.90
C ALA A 258 -2.10 6.90 -5.74
N ASP A 259 -0.90 7.16 -5.20
CA ASP A 259 -0.36 6.35 -4.10
C ASP A 259 -1.33 6.36 -2.94
N LEU A 260 -1.82 7.55 -2.60
CA LEU A 260 -2.75 7.69 -1.48
C LEU A 260 -4.02 6.92 -1.75
N ALA A 261 -4.51 6.99 -2.98
CA ALA A 261 -5.79 6.35 -3.33
C ALA A 261 -5.65 4.83 -3.27
N LYS A 262 -4.51 4.31 -3.71
CA LYS A 262 -4.31 2.87 -3.67
C LYS A 262 -4.21 2.41 -2.21
N TYR A 263 -3.52 3.19 -1.39
CA TYR A 263 -3.44 2.87 0.02
C TYR A 263 -4.86 2.83 0.64
N ILE A 264 -5.63 3.87 0.38
CA ILE A 264 -6.98 3.89 0.87
C ILE A 264 -7.73 2.64 0.42
N CYS A 265 -7.55 2.26 -0.84
CA CYS A 265 -8.32 1.16 -1.40
C CYS A 265 -7.86 -0.19 -0.89
N GLU A 266 -6.61 -0.28 -0.46
CA GLU A 266 -6.09 -1.50 0.09
C GLU A 266 -6.54 -1.62 1.55
N ASN A 267 -7.09 -0.55 2.11
CA ASN A 267 -7.49 -0.55 3.50
C ASN A 267 -8.93 -0.12 3.74
N GLN A 268 -9.83 -0.51 2.83
CA GLN A 268 -11.21 0.00 2.86
C GLN A 268 -11.94 -0.36 4.14
N ASP A 269 -11.70 -1.59 4.62
CA ASP A 269 -12.34 -2.14 5.83
C ASP A 269 -12.06 -1.29 7.06
N SER A 270 -10.83 -0.78 7.12
CA SER A 270 -10.43 0.10 8.23
C SER A 270 -10.77 1.57 7.93
N ILE A 271 -11.34 1.87 6.75
CA ILE A 271 -11.60 3.27 6.41
C ILE A 271 -13.07 3.66 6.20
N SER A 272 -13.77 2.97 5.30
CA SER A 272 -15.17 3.27 5.06
C SER A 272 -15.84 2.25 4.14
N SER A 273 -17.09 1.93 4.44
CA SER A 273 -17.77 0.86 3.70
C SER A 273 -18.23 1.30 2.31
N LYS A 274 -18.20 2.61 2.05
CA LYS A 274 -18.76 3.15 0.81
C LYS A 274 -17.75 3.30 -0.33
N LEU A 275 -16.53 2.79 -0.14
CA LEU A 275 -15.44 3.01 -1.10
C LEU A 275 -15.38 1.96 -2.22
N LYS A 276 -16.17 0.89 -2.10
CA LYS A 276 -16.06 -0.26 -2.99
C LYS A 276 -16.09 0.07 -4.48
N GLU A 277 -17.02 0.91 -4.90
CA GLU A 277 -17.15 1.27 -6.29
C GLU A 277 -15.96 2.14 -6.79
N CYS A 278 -15.60 3.18 -6.04
CA CYS A 278 -14.45 4.02 -6.40
C CYS A 278 -13.18 3.18 -6.54
N CYS A 279 -12.97 2.28 -5.59
CA CYS A 279 -11.76 1.46 -5.54
C CYS A 279 -11.76 0.38 -6.58
N GLU A 280 -12.88 0.25 -7.27
CA GLU A 280 -12.91 -0.60 -8.47
C GLU A 280 -12.55 0.18 -9.76
N LYS A 281 -12.56 1.52 -9.71
CA LYS A 281 -12.31 2.33 -10.92
C LYS A 281 -10.86 2.23 -11.38
N PRO A 282 -10.58 2.55 -12.65
CA PRO A 282 -9.18 2.48 -13.09
C PRO A 282 -8.38 3.63 -12.48
N LEU A 283 -7.05 3.57 -12.55
CA LEU A 283 -6.21 4.56 -11.87
C LEU A 283 -6.59 6.03 -12.11
N LEU A 284 -6.91 6.38 -13.35
CA LEU A 284 -7.21 7.77 -13.70
C LEU A 284 -8.29 8.37 -12.80
N GLU A 285 -9.27 7.54 -12.46
CA GLU A 285 -10.50 7.99 -11.81
C GLU A 285 -10.55 7.77 -10.30
N LYS A 286 -9.63 6.97 -9.78
CA LYS A 286 -9.73 6.50 -8.39
C LYS A 286 -9.78 7.65 -7.39
N SER A 287 -8.72 8.43 -7.31
CA SER A 287 -8.62 9.44 -6.27
C SER A 287 -9.73 10.48 -6.44
N HIS A 288 -10.07 10.78 -7.70
CA HIS A 288 -11.16 11.71 -7.99
C HIS A 288 -12.45 11.21 -7.38
N CYS A 289 -12.73 9.92 -7.63
CA CYS A 289 -13.93 9.25 -7.11
C CYS A 289 -13.93 9.26 -5.57
N ILE A 290 -12.82 8.84 -4.98
CA ILE A 290 -12.69 8.82 -3.52
C ILE A 290 -12.99 10.20 -2.91
N ALA A 291 -12.59 11.26 -3.60
CA ALA A 291 -12.81 12.63 -3.11
C ALA A 291 -14.27 13.00 -3.13
N GLU A 292 -15.00 12.41 -4.08
CA GLU A 292 -16.42 12.71 -4.22
C GLU A 292 -17.31 11.78 -3.40
N VAL A 293 -16.72 10.78 -2.77
CA VAL A 293 -17.52 9.75 -2.12
C VAL A 293 -18.42 10.31 -1.02
N GLU A 294 -19.56 9.66 -0.80
CA GLU A 294 -20.50 10.08 0.24
C GLU A 294 -19.96 9.79 1.64
N ASN A 295 -20.29 10.64 2.62
CA ASN A 295 -19.95 10.37 4.02
C ASN A 295 -20.36 8.95 4.37
N ASP A 296 -19.45 8.16 4.93
CA ASP A 296 -19.82 6.84 5.44
C ASP A 296 -20.81 7.06 6.56
N GLU A 297 -21.68 6.08 6.78
CA GLU A 297 -22.58 6.13 7.91
C GLU A 297 -21.78 5.99 9.21
N MET A 298 -22.11 6.79 10.22
CA MET A 298 -21.35 6.73 11.48
C MET A 298 -21.81 5.65 12.45
N PRO A 299 -20.85 5.03 13.15
CA PRO A 299 -21.16 3.98 14.14
C PRO A 299 -22.25 4.44 15.10
N ALA A 300 -22.95 3.48 15.69
CA ALA A 300 -24.11 3.79 16.51
C ALA A 300 -23.80 4.21 17.96
N ASP A 301 -22.97 3.44 18.65
CA ASP A 301 -22.82 3.64 20.10
C ASP A 301 -21.72 4.62 20.48
N LEU A 302 -21.63 5.75 19.79
CA LEU A 302 -20.62 6.75 20.11
C LEU A 302 -21.01 7.49 21.38
N PRO A 303 -20.12 7.45 22.39
CA PRO A 303 -20.23 8.12 23.70
C PRO A 303 -20.01 9.61 23.58
N SER A 304 -20.45 10.37 24.56
CA SER A 304 -20.17 11.80 24.60
C SER A 304 -18.67 12.00 24.74
N LEU A 305 -18.19 13.21 24.45
CA LEU A 305 -16.75 13.47 24.51
C LEU A 305 -16.28 13.83 25.92
N ALA A 306 -17.23 13.98 26.83
CA ALA A 306 -16.98 14.24 28.27
C ALA A 306 -15.87 13.41 28.89
N ALA A 307 -16.01 12.09 28.86
CA ALA A 307 -15.06 11.21 29.53
C ALA A 307 -13.59 11.49 29.15
N ASP A 308 -13.34 11.71 27.86
CA ASP A 308 -11.98 11.86 27.38
C ASP A 308 -11.46 13.30 27.43
N PHE A 309 -12.36 14.26 27.26
CA PHE A 309 -11.96 15.65 27.05
C PHE A 309 -12.44 16.66 28.10
N VAL A 310 -13.09 16.17 29.16
CA VAL A 310 -13.64 17.08 30.18
C VAL A 310 -13.48 16.56 31.61
N GLU A 311 -13.89 15.32 31.82
CA GLU A 311 -13.95 14.77 33.18
C GLU A 311 -12.76 13.89 33.49
N SER A 312 -12.12 13.38 32.45
CA SER A 312 -10.89 12.64 32.67
C SER A 312 -9.89 13.57 33.31
N LYS A 313 -9.51 13.28 34.56
CA LYS A 313 -8.26 13.81 35.08
C LYS A 313 -7.19 13.41 34.05
N ASP A 314 -5.97 13.88 34.20
CA ASP A 314 -4.95 13.57 33.19
C ASP A 314 -5.19 14.27 31.86
N VAL A 315 -6.22 15.13 31.77
CA VAL A 315 -6.47 15.88 30.54
C VAL A 315 -5.32 16.80 30.19
N CYS A 316 -4.93 17.65 31.14
CA CYS A 316 -3.78 18.54 30.92
C CYS A 316 -2.52 17.72 30.63
N LYS A 317 -2.31 16.66 31.40
CA LYS A 317 -1.16 15.79 31.16
C LYS A 317 -1.21 15.29 29.74
N ASN A 318 -2.38 14.77 29.32
CA ASN A 318 -2.52 14.22 27.99
C ASN A 318 -2.28 15.25 26.90
N TYR A 319 -2.80 16.45 27.15
CA TYR A 319 -2.64 17.57 26.25
C TYR A 319 -1.18 18.02 26.13
N ALA A 320 -0.55 18.44 27.22
CA ALA A 320 0.82 18.95 27.18
C ALA A 320 1.79 17.93 26.59
N GLU A 321 1.43 16.67 26.72
CA GLU A 321 2.20 15.57 26.18
C GLU A 321 2.39 15.73 24.67
N ALA A 322 1.29 15.96 23.96
CA ALA A 322 1.35 16.19 22.51
C ALA A 322 0.13 16.99 22.11
N LYS A 323 0.22 18.30 22.29
CA LYS A 323 -0.94 19.17 22.17
C LYS A 323 -1.67 19.00 20.84
N ASP A 324 -0.91 18.98 19.76
CA ASP A 324 -1.53 18.94 18.44
C ASP A 324 -2.27 17.61 18.24
N VAL A 325 -1.64 16.49 18.62
CA VAL A 325 -2.28 15.19 18.50
C VAL A 325 -3.56 15.19 19.33
N PHE A 326 -3.46 15.64 20.57
CA PHE A 326 -4.61 15.64 21.47
C PHE A 326 -5.76 16.46 20.86
N LEU A 327 -5.43 17.64 20.36
CA LEU A 327 -6.44 18.47 19.72
C LEU A 327 -6.90 17.79 18.44
N GLY A 328 -5.99 17.12 17.76
CA GLY A 328 -6.40 16.30 16.65
C GLY A 328 -7.52 15.37 17.07
N MET A 329 -7.42 14.88 18.31
CA MET A 329 -8.33 13.84 18.77
C MET A 329 -9.70 14.39 19.05
N PHE A 330 -9.75 15.50 19.76
CA PHE A 330 -10.97 16.23 19.97
C PHE A 330 -11.66 16.57 18.64
N LEU A 331 -10.89 17.04 17.67
CA LEU A 331 -11.47 17.39 16.37
C LEU A 331 -12.04 16.13 15.74
N TYR A 332 -11.18 15.12 15.59
CA TYR A 332 -11.62 13.81 15.07
C TYR A 332 -12.94 13.32 15.66
N GLU A 333 -12.97 13.12 16.98
CA GLU A 333 -14.15 12.66 17.68
C GLU A 333 -15.31 13.56 17.37
N TYR A 334 -15.06 14.86 17.42
CA TYR A 334 -16.15 15.81 17.22
C TYR A 334 -16.68 15.78 15.79
N ALA A 335 -15.78 15.83 14.83
CA ALA A 335 -16.23 15.93 13.44
C ALA A 335 -17.06 14.73 13.00
N ARG A 336 -16.57 13.52 13.31
CA ARG A 336 -17.25 12.31 12.84
C ARG A 336 -18.65 12.16 13.41
N ARG A 337 -18.92 12.85 14.50
CA ARG A 337 -20.25 12.81 15.10
C ARG A 337 -21.10 13.89 14.45
N HIS A 338 -20.45 14.72 13.62
CA HIS A 338 -21.15 15.86 13.04
C HIS A 338 -20.91 16.07 11.56
N PRO A 339 -21.52 15.21 10.73
CA PRO A 339 -21.46 15.40 9.29
C PRO A 339 -22.19 16.69 8.94
N ASP A 340 -23.00 17.17 9.89
CA ASP A 340 -23.87 18.30 9.61
C ASP A 340 -23.21 19.65 9.87
N TYR A 341 -22.07 19.67 10.53
CA TYR A 341 -21.38 20.95 10.76
C TYR A 341 -20.50 21.25 9.56
N SER A 342 -20.27 22.54 9.31
CA SER A 342 -19.29 22.97 8.32
C SER A 342 -17.91 22.57 8.81
N VAL A 343 -16.95 22.41 7.91
CA VAL A 343 -15.60 22.11 8.37
C VAL A 343 -15.14 23.29 9.23
N VAL A 344 -15.43 24.51 8.80
CA VAL A 344 -14.98 25.66 9.57
C VAL A 344 -15.58 25.79 10.98
N LEU A 345 -16.84 25.41 11.16
CA LEU A 345 -17.43 25.52 12.48
C LEU A 345 -16.66 24.61 13.44
N LEU A 346 -16.36 23.41 12.96
CA LEU A 346 -15.56 22.45 13.70
C LEU A 346 -14.20 23.00 14.13
N LEU A 347 -13.47 23.65 13.21
CA LEU A 347 -12.21 24.30 13.55
C LEU A 347 -12.38 25.41 14.61
N ARG A 348 -13.46 26.18 14.52
CA ARG A 348 -13.78 27.16 15.56
C ARG A 348 -13.90 26.45 16.92
N LEU A 349 -14.54 25.30 16.90
CA LEU A 349 -14.71 24.54 18.13
C LEU A 349 -13.36 24.14 18.69
N ALA A 350 -12.52 23.55 17.83
CA ALA A 350 -11.18 23.11 18.25
C ALA A 350 -10.30 24.28 18.66
N LYS A 351 -10.42 25.39 17.96
CA LYS A 351 -9.74 26.61 18.35
C LYS A 351 -10.16 26.87 19.79
N THR A 352 -11.46 26.90 20.05
CA THR A 352 -11.97 27.23 21.38
C THR A 352 -11.45 26.28 22.45
N TYR A 353 -11.59 24.99 22.18
CA TYR A 353 -11.14 23.97 23.11
C TYR A 353 -9.68 24.22 23.45
N GLU A 354 -8.87 24.48 22.43
CA GLU A 354 -7.47 24.85 22.60
C GLU A 354 -7.29 26.04 23.53
N THR A 355 -8.01 27.12 23.26
CA THR A 355 -7.85 28.33 24.05
C THR A 355 -7.97 27.98 25.54
N THR A 356 -9.07 27.35 25.94
CA THR A 356 -9.27 27.12 27.38
C THR A 356 -8.29 26.13 28.02
N LEU A 357 -8.07 24.97 27.40
CA LEU A 357 -7.06 24.04 27.93
C LEU A 357 -5.75 24.79 28.19
N GLU A 358 -5.48 25.79 27.36
CA GLU A 358 -4.28 26.62 27.49
C GLU A 358 -4.34 27.44 28.76
N LYS A 359 -5.54 27.89 29.09
CA LYS A 359 -5.76 28.76 30.23
C LYS A 359 -5.89 27.92 31.48
N CYS A 360 -6.85 27.00 31.46
CA CYS A 360 -7.16 26.14 32.61
C CYS A 360 -6.00 25.25 33.06
N CYS A 361 -5.25 24.69 32.11
CA CYS A 361 -4.13 23.83 32.48
C CYS A 361 -3.06 24.62 33.25
N ALA A 362 -3.12 25.95 33.13
CA ALA A 362 -2.18 26.82 33.82
C ALA A 362 -2.83 27.49 35.03
N ALA A 363 -4.06 27.08 35.36
CA ALA A 363 -4.80 27.68 36.47
C ALA A 363 -4.65 26.88 37.76
N ALA A 364 -5.05 27.50 38.87
CA ALA A 364 -4.89 26.89 40.19
C ALA A 364 -5.55 25.51 40.23
N ASP A 365 -6.64 25.35 39.49
CA ASP A 365 -7.35 24.06 39.46
C ASP A 365 -7.83 23.74 38.04
N PRO A 366 -6.94 23.16 37.22
CA PRO A 366 -7.28 22.82 35.85
C PRO A 366 -8.65 22.19 35.79
N HIS A 367 -8.82 21.06 36.47
CA HIS A 367 -10.02 20.22 36.34
C HIS A 367 -11.34 20.96 36.50
N GLU A 368 -11.39 21.87 37.47
CA GLU A 368 -12.60 22.62 37.74
C GLU A 368 -12.71 23.75 36.73
N CYS A 369 -11.56 24.26 36.32
CA CYS A 369 -11.52 25.42 35.43
C CYS A 369 -12.08 25.07 34.05
N TYR A 370 -11.68 23.92 33.53
CA TYR A 370 -12.08 23.53 32.19
C TYR A 370 -13.30 22.62 32.15
N ALA A 371 -14.07 22.62 33.23
CA ALA A 371 -15.17 21.66 33.37
C ALA A 371 -16.42 22.02 32.56
N LYS A 372 -16.88 23.26 32.65
CA LYS A 372 -18.07 23.69 31.91
C LYS A 372 -17.68 24.37 30.60
N VAL A 373 -17.03 23.61 29.72
CA VAL A 373 -16.43 24.18 28.53
C VAL A 373 -17.26 23.94 27.27
N PHE A 374 -17.92 22.78 27.21
CA PHE A 374 -18.85 22.48 26.11
C PHE A 374 -20.03 23.44 26.10
N ASP A 375 -20.09 24.31 27.10
CA ASP A 375 -21.13 25.33 27.12
C ASP A 375 -20.77 26.42 26.14
N GLU A 376 -19.47 26.58 25.91
CA GLU A 376 -18.98 27.65 25.04
C GLU A 376 -19.26 27.32 23.59
N PHE A 377 -19.28 26.03 23.28
CA PHE A 377 -19.57 25.55 21.95
C PHE A 377 -20.98 25.96 21.52
N LYS A 378 -21.93 25.85 22.45
CA LYS A 378 -23.32 26.19 22.19
C LYS A 378 -23.53 27.33 21.16
N PRO A 379 -23.18 28.57 21.53
CA PRO A 379 -23.61 29.68 20.67
C PRO A 379 -22.86 29.74 19.34
N LEU A 380 -21.61 29.27 19.34
CA LEU A 380 -20.86 29.20 18.09
C LEU A 380 -21.60 28.31 17.10
N VAL A 381 -22.16 27.21 17.63
CA VAL A 381 -22.87 26.24 16.82
C VAL A 381 -24.17 26.81 16.28
N GLU A 382 -24.93 27.51 17.11
CA GLU A 382 -26.19 28.06 16.63
C GLU A 382 -26.06 29.32 15.81
N GLU A 383 -24.84 29.85 15.68
CA GLU A 383 -24.69 31.04 14.86
C GLU A 383 -24.94 30.72 13.37
N PRO A 384 -24.19 29.75 12.81
CA PRO A 384 -24.47 29.35 11.43
C PRO A 384 -25.82 28.66 11.31
N GLN A 385 -26.29 28.02 12.36
CA GLN A 385 -27.57 27.33 12.27
C GLN A 385 -28.69 28.33 12.06
N ASN A 386 -28.79 29.28 12.97
CA ASN A 386 -29.81 30.33 12.86
C ASN A 386 -29.70 31.14 11.58
N LEU A 387 -28.48 31.49 11.16
CA LEU A 387 -28.33 32.26 9.93
C LEU A 387 -28.92 31.47 8.78
N ILE A 388 -28.68 30.16 8.78
CA ILE A 388 -29.28 29.26 7.81
C ILE A 388 -30.81 29.22 7.94
N LYS A 389 -31.33 28.88 9.12
CA LYS A 389 -32.77 28.74 9.25
C LYS A 389 -33.48 29.99 8.75
N GLN A 390 -33.03 31.14 9.22
CA GLN A 390 -33.68 32.39 8.87
C GLN A 390 -33.50 32.75 7.40
N ASN A 391 -32.35 32.45 6.81
CA ASN A 391 -32.19 32.85 5.41
C ASN A 391 -33.02 31.98 4.44
N CYS A 392 -33.11 30.67 4.74
CA CYS A 392 -33.95 29.76 3.96
C CYS A 392 -35.44 30.01 4.19
N GLU A 393 -35.78 30.45 5.40
CA GLU A 393 -37.14 30.85 5.73
C GLU A 393 -37.58 31.96 4.77
N LEU A 394 -36.69 32.92 4.57
CA LEU A 394 -36.94 34.07 3.71
C LEU A 394 -36.98 33.65 2.25
N PHE A 395 -36.00 32.87 1.83
CA PHE A 395 -35.98 32.39 0.46
C PHE A 395 -37.33 31.75 0.09
N GLU A 396 -37.91 31.00 1.03
CA GLU A 396 -39.14 30.28 0.77
C GLU A 396 -40.31 31.25 0.59
N GLN A 397 -40.31 32.32 1.39
CA GLN A 397 -41.31 33.37 1.27
C GLN A 397 -41.23 34.00 -0.11
N LEU A 398 -40.28 34.90 -0.32
CA LEU A 398 -40.01 35.43 -1.65
C LEU A 398 -39.10 34.45 -2.33
N GLY A 399 -39.48 33.98 -3.51
CA GLY A 399 -38.67 33.01 -4.23
C GLY A 399 -37.32 33.59 -4.58
N GLU A 400 -36.58 32.93 -5.48
CA GLU A 400 -35.20 33.33 -5.74
C GLU A 400 -35.01 34.82 -6.08
N TYR A 401 -35.85 35.38 -6.93
CA TYR A 401 -35.59 36.74 -7.43
C TYR A 401 -35.77 37.81 -6.35
N LYS A 402 -36.88 37.75 -5.61
CA LYS A 402 -37.13 38.68 -4.53
C LYS A 402 -36.14 38.50 -3.38
N PHE A 403 -35.64 37.28 -3.24
CA PHE A 403 -34.68 36.99 -2.20
C PHE A 403 -33.40 37.70 -2.58
N GLN A 404 -33.07 37.63 -3.86
CA GLN A 404 -31.92 38.32 -4.37
C GLN A 404 -32.09 39.81 -4.11
N ASN A 405 -33.27 40.33 -4.43
CA ASN A 405 -33.49 41.76 -4.20
C ASN A 405 -33.36 42.13 -2.74
N ALA A 406 -33.77 41.23 -1.84
CA ALA A 406 -33.65 41.51 -0.41
C ALA A 406 -32.18 41.60 -0.01
N LEU A 407 -31.39 40.62 -0.46
CA LEU A 407 -29.98 40.59 -0.14
C LEU A 407 -29.30 41.83 -0.70
N LEU A 408 -29.75 42.19 -1.90
CA LEU A 408 -29.21 43.29 -2.66
C LEU A 408 -29.24 44.56 -1.84
N VAL A 409 -30.38 44.79 -1.21
CA VAL A 409 -30.53 45.98 -0.37
C VAL A 409 -29.63 45.86 0.86
N ARG A 410 -29.63 44.69 1.47
CA ARG A 410 -28.89 44.48 2.70
C ARG A 410 -27.40 44.72 2.50
N TYR A 411 -26.88 44.29 1.36
CA TYR A 411 -25.45 44.34 1.17
C TYR A 411 -25.02 45.72 0.64
N THR A 412 -25.83 46.32 -0.21
CA THR A 412 -25.50 47.64 -0.72
C THR A 412 -25.38 48.65 0.41
N LYS A 413 -26.31 48.55 1.37
CA LYS A 413 -26.22 49.33 2.60
C LYS A 413 -24.95 49.06 3.42
N LYS A 414 -24.51 47.81 3.47
CA LYS A 414 -23.38 47.44 4.30
C LYS A 414 -22.06 48.00 3.77
N VAL A 415 -21.90 47.92 2.44
CA VAL A 415 -20.71 48.44 1.76
C VAL A 415 -21.12 49.06 0.43
N PRO A 416 -21.62 50.30 0.48
CA PRO A 416 -22.17 50.98 -0.70
C PRO A 416 -21.07 51.44 -1.65
N GLN A 417 -19.81 51.26 -1.25
CA GLN A 417 -18.69 51.65 -2.10
C GLN A 417 -18.42 50.65 -3.22
N VAL A 418 -19.09 49.49 -3.19
CA VAL A 418 -18.81 48.46 -4.20
C VAL A 418 -19.46 48.68 -5.55
N SER A 419 -18.75 48.29 -6.60
CA SER A 419 -19.27 48.33 -7.96
C SER A 419 -20.72 47.85 -8.02
N THR A 420 -21.55 48.64 -8.68
CA THR A 420 -22.93 48.25 -8.85
C THR A 420 -23.00 46.84 -9.42
N PRO A 421 -22.32 46.59 -10.56
CA PRO A 421 -22.47 45.26 -11.17
C PRO A 421 -21.96 44.14 -10.26
N THR A 422 -21.03 44.47 -9.37
CA THR A 422 -20.44 43.48 -8.49
C THR A 422 -21.44 43.16 -7.41
N LEU A 423 -22.12 44.20 -6.96
CA LEU A 423 -23.19 44.04 -5.98
C LEU A 423 -24.31 43.17 -6.55
N VAL A 424 -24.60 43.35 -7.84
CA VAL A 424 -25.63 42.57 -8.50
C VAL A 424 -25.20 41.12 -8.74
N GLU A 425 -23.91 40.93 -9.04
CA GLU A 425 -23.40 39.58 -9.28
C GLU A 425 -23.45 38.72 -8.01
N VAL A 426 -22.89 39.23 -6.92
CA VAL A 426 -22.86 38.48 -5.66
C VAL A 426 -24.24 38.25 -5.05
N SER A 427 -25.12 39.23 -5.13
CA SER A 427 -26.49 39.06 -4.61
C SER A 427 -27.21 37.96 -5.36
N ARG A 428 -26.93 37.86 -6.65
CA ARG A 428 -27.61 36.87 -7.47
C ARG A 428 -27.01 35.48 -7.25
N ASN A 429 -25.68 35.42 -7.18
CA ASN A 429 -25.01 34.18 -6.86
C ASN A 429 -25.52 33.72 -5.50
N LEU A 430 -25.47 34.62 -4.52
CA LEU A 430 -25.96 34.31 -3.18
C LEU A 430 -27.37 33.72 -3.25
N GLY A 431 -28.28 34.44 -3.89
CA GLY A 431 -29.60 33.91 -4.14
C GLY A 431 -29.57 32.47 -4.64
N LYS A 432 -28.70 32.21 -5.60
CA LYS A 432 -28.57 30.87 -6.18
C LYS A 432 -28.09 29.86 -5.14
N VAL A 433 -27.36 30.33 -4.14
CA VAL A 433 -26.89 29.47 -3.06
C VAL A 433 -28.08 29.14 -2.15
N GLY A 434 -29.02 30.07 -2.04
CA GLY A 434 -30.27 29.77 -1.36
C GLY A 434 -31.03 28.65 -2.07
N SER A 435 -31.15 28.77 -3.39
CA SER A 435 -32.00 27.86 -4.16
C SER A 435 -31.47 26.45 -4.08
N LYS A 436 -30.15 26.33 -4.05
CA LYS A 436 -29.47 25.05 -3.98
C LYS A 436 -29.53 24.43 -2.57
N CYS A 437 -29.05 25.16 -1.57
CA CYS A 437 -28.83 24.56 -0.26
C CYS A 437 -30.10 24.38 0.54
N CYS A 438 -31.04 25.31 0.36
CA CYS A 438 -32.29 25.28 1.12
C CYS A 438 -33.18 24.09 0.74
N LYS A 439 -33.06 23.61 -0.48
CA LYS A 439 -33.68 22.35 -0.88
C LYS A 439 -33.13 21.12 -0.12
N HIS A 440 -32.20 21.31 0.81
CA HIS A 440 -31.68 20.22 1.65
C HIS A 440 -32.35 20.19 3.02
N PRO A 441 -32.40 19.01 3.66
CA PRO A 441 -32.76 19.06 5.07
C PRO A 441 -31.69 19.75 5.89
N GLU A 442 -32.04 20.09 7.14
CA GLU A 442 -31.16 20.83 8.04
C GLU A 442 -29.76 20.22 8.16
N ALA A 443 -29.74 18.91 8.41
CA ALA A 443 -28.50 18.18 8.63
C ALA A 443 -27.51 18.31 7.48
N LYS A 444 -27.99 18.71 6.31
CA LYS A 444 -27.09 18.85 5.15
C LYS A 444 -26.93 20.28 4.64
N ARG A 445 -27.48 21.25 5.36
CA ARG A 445 -27.48 22.63 4.86
C ARG A 445 -26.19 23.39 5.12
N MET A 446 -25.58 23.18 6.28
CA MET A 446 -24.40 23.95 6.66
C MET A 446 -23.17 23.57 5.87
N PRO A 447 -22.94 22.25 5.70
CA PRO A 447 -21.86 21.86 4.79
C PRO A 447 -22.07 22.49 3.41
N CYS A 448 -23.27 22.32 2.87
CA CYS A 448 -23.66 22.88 1.58
C CYS A 448 -23.36 24.38 1.47
N ALA A 449 -23.76 25.15 2.48
CA ALA A 449 -23.55 26.59 2.49
C ALA A 449 -22.06 26.87 2.56
N GLU A 450 -21.35 26.04 3.32
CA GLU A 450 -19.92 26.19 3.45
C GLU A 450 -19.31 26.10 2.07
N ASP A 451 -19.59 25.02 1.37
CA ASP A 451 -19.02 24.81 0.05
C ASP A 451 -19.25 26.02 -0.86
N TYR A 452 -20.51 26.38 -1.03
CA TYR A 452 -20.90 27.44 -1.97
C TYR A 452 -20.51 28.84 -1.53
N LEU A 453 -20.58 29.12 -0.24
CA LEU A 453 -20.16 30.42 0.24
C LEU A 453 -18.65 30.59 0.06
N SER A 454 -17.86 29.55 0.26
CA SER A 454 -16.43 29.70 0.13
C SER A 454 -16.08 30.17 -1.27
N VAL A 455 -16.82 29.68 -2.28
CA VAL A 455 -16.58 30.12 -3.66
C VAL A 455 -17.05 31.56 -3.91
N VAL A 456 -18.28 31.87 -3.52
CA VAL A 456 -18.82 33.19 -3.80
C VAL A 456 -18.00 34.27 -3.09
N LEU A 457 -17.76 34.02 -1.81
CA LEU A 457 -17.01 34.93 -0.96
C LEU A 457 -15.62 35.11 -1.52
N ASN A 458 -15.09 34.07 -2.15
CA ASN A 458 -13.73 34.14 -2.60
C ASN A 458 -13.53 34.92 -3.91
N GLN A 459 -14.36 34.67 -4.91
CA GLN A 459 -14.34 35.45 -6.15
C GLN A 459 -14.49 36.91 -5.76
N LEU A 460 -15.08 37.08 -4.59
CA LEU A 460 -15.45 38.38 -4.06
C LEU A 460 -14.22 39.09 -3.49
N CYS A 461 -13.35 38.33 -2.83
CA CYS A 461 -12.11 38.88 -2.30
C CYS A 461 -11.09 39.05 -3.42
N VAL A 462 -11.13 38.13 -4.38
CA VAL A 462 -10.20 38.21 -5.49
C VAL A 462 -10.43 39.51 -6.26
N LEU A 463 -11.70 39.86 -6.50
CA LEU A 463 -12.08 41.14 -7.10
C LEU A 463 -11.55 42.29 -6.27
N HIS A 464 -11.98 42.34 -5.01
CA HIS A 464 -11.53 43.37 -4.09
C HIS A 464 -10.00 43.55 -4.03
N GLU A 465 -9.24 42.48 -4.13
CA GLU A 465 -7.79 42.61 -4.05
C GLU A 465 -7.30 43.41 -5.26
N LYS A 466 -7.97 43.23 -6.39
CA LYS A 466 -7.57 43.95 -7.59
C LYS A 466 -7.96 45.43 -7.53
N THR A 467 -9.16 45.72 -7.06
CA THR A 467 -9.58 47.11 -6.93
C THR A 467 -10.28 47.28 -5.61
N PRO A 468 -9.52 47.51 -4.54
CA PRO A 468 -10.03 47.63 -3.16
C PRO A 468 -10.84 48.91 -2.94
N VAL A 469 -11.72 48.89 -1.95
CA VAL A 469 -12.73 49.93 -1.85
C VAL A 469 -13.33 49.97 -0.44
N SER A 470 -12.87 49.07 0.42
CA SER A 470 -13.36 49.01 1.80
C SER A 470 -12.41 48.32 2.77
N ASP A 471 -11.91 49.08 3.75
CA ASP A 471 -11.06 48.52 4.79
C ASP A 471 -11.68 47.30 5.49
N ARG A 472 -13.01 47.31 5.65
CA ARG A 472 -13.68 46.21 6.35
C ARG A 472 -13.69 44.92 5.50
N VAL A 473 -13.87 45.05 4.19
CA VAL A 473 -13.82 43.89 3.30
C VAL A 473 -12.39 43.37 3.20
N THR A 474 -11.42 44.27 3.13
CA THR A 474 -10.00 43.87 3.17
C THR A 474 -9.68 43.09 4.43
N LYS A 475 -10.15 43.58 5.59
CA LYS A 475 -9.99 42.82 6.82
C LYS A 475 -10.54 41.37 6.68
N CYS A 476 -11.80 41.23 6.27
CA CYS A 476 -12.40 39.91 6.10
C CYS A 476 -11.66 38.98 5.13
N CYS A 477 -11.27 39.52 3.97
CA CYS A 477 -10.60 38.75 2.91
C CYS A 477 -9.17 38.33 3.23
N THR A 478 -8.50 39.06 4.14
CA THR A 478 -7.09 38.78 4.47
C THR A 478 -6.90 38.12 5.83
N GLU A 479 -7.92 38.15 6.67
CA GLU A 479 -7.81 37.59 8.01
C GLU A 479 -7.95 36.07 7.94
N SER A 480 -8.31 35.46 9.07
CA SER A 480 -8.51 34.02 9.11
C SER A 480 -9.53 33.59 8.09
N LEU A 481 -9.24 32.49 7.40
CA LEU A 481 -10.23 31.91 6.48
C LEU A 481 -11.36 31.22 7.28
N VAL A 482 -11.12 30.97 8.56
CA VAL A 482 -12.13 30.30 9.37
C VAL A 482 -13.13 31.37 9.79
N ASN A 483 -12.63 32.57 10.05
CA ASN A 483 -13.46 33.74 10.35
C ASN A 483 -13.90 34.52 9.11
N ARG A 484 -13.49 34.08 7.92
CA ARG A 484 -13.90 34.79 6.73
C ARG A 484 -15.42 34.99 6.73
N ARG A 485 -16.18 33.90 6.70
CA ARG A 485 -17.64 34.05 6.62
C ARG A 485 -18.28 34.86 7.77
N PRO A 486 -17.88 34.57 9.01
CA PRO A 486 -18.49 35.32 10.13
C PRO A 486 -18.13 36.82 10.06
N CYS A 487 -16.98 37.15 9.49
CA CYS A 487 -16.56 38.54 9.36
C CYS A 487 -17.46 39.36 8.43
N PHE A 488 -17.94 38.73 7.37
CA PHE A 488 -18.89 39.37 6.48
C PHE A 488 -20.26 39.48 7.16
N SER A 489 -20.64 38.41 7.86
CA SER A 489 -21.93 38.37 8.52
C SER A 489 -21.99 39.40 9.63
N ALA A 490 -20.81 39.90 10.01
CA ALA A 490 -20.71 40.88 11.07
C ALA A 490 -20.69 42.33 10.54
N LEU A 491 -20.57 42.47 9.23
CA LEU A 491 -20.56 43.80 8.60
C LEU A 491 -21.88 44.48 8.85
N GLU A 492 -21.82 45.78 9.15
CA GLU A 492 -23.01 46.55 9.45
C GLU A 492 -23.24 47.66 8.46
N VAL A 493 -24.46 48.18 8.46
CA VAL A 493 -24.79 49.31 7.61
C VAL A 493 -23.74 50.41 7.79
N ASP A 494 -23.27 50.94 6.65
CA ASP A 494 -22.35 52.04 6.68
C ASP A 494 -23.11 53.32 6.97
N GLU A 495 -23.17 53.68 8.25
CA GLU A 495 -23.82 54.90 8.68
C GLU A 495 -22.99 56.14 8.27
N THR A 496 -21.81 55.89 7.71
CA THR A 496 -20.95 56.98 7.23
C THR A 496 -21.22 57.39 5.80
N TYR A 497 -21.54 56.41 4.96
CA TYR A 497 -21.68 56.61 3.51
C TYR A 497 -22.39 57.91 3.17
N VAL A 498 -21.78 58.69 2.28
CA VAL A 498 -22.41 59.90 1.75
C VAL A 498 -23.27 59.55 0.53
N PRO A 499 -24.59 59.73 0.65
CA PRO A 499 -25.53 59.40 -0.43
C PRO A 499 -25.02 59.82 -1.80
N LYS A 500 -25.43 59.10 -2.84
CA LYS A 500 -24.90 59.36 -4.17
C LYS A 500 -25.77 60.31 -4.97
N GLU A 501 -25.12 61.02 -5.90
CA GLU A 501 -25.73 62.05 -6.72
C GLU A 501 -26.87 61.53 -7.57
N PHE A 502 -28.01 62.22 -7.54
CA PHE A 502 -29.10 61.82 -8.41
C PHE A 502 -28.69 62.01 -9.87
N ASN A 503 -29.02 61.02 -10.70
CA ASN A 503 -28.71 61.05 -12.10
C ASN A 503 -29.85 60.43 -12.90
N ALA A 504 -30.51 61.27 -13.68
CA ALA A 504 -31.77 60.88 -14.30
C ALA A 504 -31.61 59.76 -15.31
N GLU A 505 -30.45 59.72 -15.96
CA GLU A 505 -30.24 58.69 -16.97
C GLU A 505 -30.25 57.35 -16.27
N THR A 506 -29.65 57.32 -15.08
CA THR A 506 -29.64 56.12 -14.27
C THR A 506 -31.06 55.59 -14.00
N PHE A 507 -32.00 56.52 -13.92
CA PHE A 507 -33.38 56.15 -13.64
C PHE A 507 -34.32 56.46 -14.79
N THR A 508 -33.75 56.44 -15.99
CA THR A 508 -34.54 56.54 -17.20
C THR A 508 -34.75 55.13 -17.74
N PHE A 509 -35.96 54.84 -18.21
CA PHE A 509 -36.23 53.50 -18.76
C PHE A 509 -36.86 53.55 -20.16
N HIS A 510 -36.51 52.55 -20.97
CA HIS A 510 -36.96 52.49 -22.35
C HIS A 510 -37.66 51.16 -22.63
N ALA A 511 -38.45 51.14 -23.70
CA ALA A 511 -39.30 49.99 -23.99
C ALA A 511 -38.49 48.75 -24.35
N ASP A 512 -37.22 48.94 -24.67
CA ASP A 512 -36.38 47.81 -25.05
C ASP A 512 -36.34 46.76 -23.94
N ILE A 513 -36.67 47.15 -22.71
CA ILE A 513 -36.64 46.23 -21.58
C ILE A 513 -37.76 45.20 -21.69
N CYS A 514 -38.84 45.58 -22.37
CA CYS A 514 -39.98 44.68 -22.57
C CYS A 514 -39.57 43.51 -23.45
N THR A 515 -38.50 43.73 -24.23
CA THR A 515 -38.03 42.74 -25.18
C THR A 515 -36.96 41.86 -24.54
N LEU A 516 -36.32 42.36 -23.50
CA LEU A 516 -35.27 41.61 -22.82
C LEU A 516 -35.79 40.26 -22.34
N SER A 517 -34.86 39.38 -21.98
CA SER A 517 -35.20 38.08 -21.38
C SER A 517 -35.33 38.23 -19.87
N GLU A 518 -36.17 37.42 -19.22
CA GLU A 518 -36.35 37.57 -17.78
C GLU A 518 -35.00 37.73 -17.08
N LYS A 519 -33.95 37.20 -17.69
CA LYS A 519 -32.62 37.27 -17.10
C LYS A 519 -32.03 38.66 -17.25
N GLU A 520 -32.04 39.19 -18.47
CA GLU A 520 -31.58 40.55 -18.75
C GLU A 520 -32.47 41.62 -18.09
N ARG A 521 -33.77 41.47 -18.24
CA ARG A 521 -34.76 42.32 -17.59
C ARG A 521 -34.38 42.40 -16.10
N GLN A 522 -34.16 41.25 -15.48
CA GLN A 522 -33.88 41.23 -14.03
C GLN A 522 -32.62 41.99 -13.67
N ILE A 523 -31.54 41.74 -14.40
CA ILE A 523 -30.31 42.49 -14.17
C ILE A 523 -30.60 43.99 -14.31
N LYS A 524 -31.36 44.35 -15.33
CA LYS A 524 -31.75 45.74 -15.52
C LYS A 524 -32.40 46.29 -14.25
N LYS A 525 -33.37 45.56 -13.72
CA LYS A 525 -34.07 46.04 -12.53
C LYS A 525 -33.14 46.08 -11.31
N GLN A 526 -32.36 45.03 -11.12
CA GLN A 526 -31.54 44.95 -9.91
C GLN A 526 -30.40 45.99 -9.89
N THR A 527 -29.83 46.26 -11.05
CA THR A 527 -28.87 47.35 -11.19
C THR A 527 -29.53 48.65 -10.75
N ALA A 528 -30.70 48.98 -11.30
CA ALA A 528 -31.41 50.17 -10.88
C ALA A 528 -31.70 50.16 -9.38
N LEU A 529 -32.06 49.01 -8.83
CA LEU A 529 -32.35 48.95 -7.39
C LEU A 529 -31.12 49.28 -6.55
N VAL A 530 -29.96 48.80 -6.97
CA VAL A 530 -28.72 49.08 -6.25
C VAL A 530 -28.45 50.58 -6.31
N GLU A 531 -28.57 51.13 -7.51
CA GLU A 531 -28.45 52.58 -7.72
C GLU A 531 -29.39 53.36 -6.81
N LEU A 532 -30.65 52.94 -6.71
CA LEU A 532 -31.63 53.61 -5.87
C LEU A 532 -31.19 53.61 -4.41
N VAL A 533 -30.61 52.49 -3.97
CA VAL A 533 -30.22 52.35 -2.58
C VAL A 533 -28.96 53.16 -2.28
N LYS A 534 -28.17 53.44 -3.32
CA LYS A 534 -26.95 54.23 -3.16
C LYS A 534 -27.26 55.72 -3.13
N HIS A 535 -28.32 56.11 -3.82
CA HIS A 535 -28.78 57.50 -3.85
C HIS A 535 -29.61 57.85 -2.62
N LYS A 536 -30.40 56.88 -2.14
CA LYS A 536 -31.16 57.07 -0.91
C LYS A 536 -30.95 55.94 0.08
N PRO A 537 -29.74 55.87 0.65
CA PRO A 537 -29.33 54.74 1.49
C PRO A 537 -30.15 54.60 2.76
N LYS A 538 -30.82 55.67 3.18
CA LYS A 538 -31.58 55.61 4.43
C LYS A 538 -33.06 55.27 4.22
N ALA A 539 -33.42 55.02 2.97
CA ALA A 539 -34.78 54.63 2.65
C ALA A 539 -35.18 53.40 3.46
N THR A 540 -36.46 53.31 3.80
CA THR A 540 -36.96 52.24 4.66
C THR A 540 -37.40 51.02 3.86
N LYS A 541 -37.29 49.85 4.46
CA LYS A 541 -37.68 48.62 3.79
C LYS A 541 -39.07 48.82 3.18
N GLU A 542 -39.94 49.47 3.94
CA GLU A 542 -41.28 49.82 3.46
C GLU A 542 -41.28 50.86 2.34
N GLN A 543 -40.53 51.94 2.55
CA GLN A 543 -40.37 52.96 1.51
C GLN A 543 -39.88 52.35 0.19
N LEU A 544 -38.89 51.47 0.30
CA LEU A 544 -38.32 50.78 -0.86
C LEU A 544 -39.32 49.86 -1.54
N LYS A 545 -40.10 49.13 -0.74
CA LYS A 545 -41.11 48.22 -1.27
C LYS A 545 -42.20 49.00 -1.99
N ALA A 546 -42.50 50.19 -1.48
CA ALA A 546 -43.52 51.06 -2.08
C ALA A 546 -43.10 51.60 -3.44
N VAL A 547 -41.86 52.09 -3.53
CA VAL A 547 -41.27 52.50 -4.80
C VAL A 547 -41.16 51.32 -5.79
N MET A 548 -40.60 50.19 -5.34
CA MET A 548 -40.51 49.00 -6.18
C MET A 548 -41.87 48.59 -6.77
N ASP A 549 -42.88 48.45 -5.93
CA ASP A 549 -44.23 48.16 -6.44
C ASP A 549 -44.63 49.19 -7.47
N ASP A 550 -44.42 50.45 -7.13
CA ASP A 550 -44.70 51.56 -8.01
C ASP A 550 -44.01 51.40 -9.36
N PHE A 551 -42.73 51.05 -9.34
CA PHE A 551 -41.96 50.88 -10.57
C PHE A 551 -42.44 49.66 -11.37
N ALA A 552 -42.58 48.53 -10.67
CA ALA A 552 -43.01 47.29 -11.31
C ALA A 552 -44.30 47.52 -12.07
N ALA A 553 -45.32 48.01 -11.38
CA ALA A 553 -46.57 48.38 -12.03
C ALA A 553 -46.34 49.23 -13.29
N PHE A 554 -45.46 50.23 -13.18
CA PHE A 554 -45.13 51.13 -14.28
C PHE A 554 -44.66 50.38 -15.52
N VAL A 555 -43.90 49.32 -15.29
CA VAL A 555 -43.40 48.46 -16.35
C VAL A 555 -44.52 47.66 -17.02
N GLU A 556 -45.38 47.04 -16.22
CA GLU A 556 -46.49 46.26 -16.76
C GLU A 556 -47.55 47.13 -17.46
N LYS A 557 -47.52 48.43 -17.23
CA LYS A 557 -48.44 49.34 -17.91
C LYS A 557 -47.86 49.81 -19.25
N CYS A 558 -46.56 50.03 -19.27
CA CYS A 558 -45.89 50.52 -20.47
C CYS A 558 -45.40 49.42 -21.41
N CYS A 559 -45.33 48.18 -20.92
CA CYS A 559 -44.94 47.06 -21.76
C CYS A 559 -46.16 46.43 -22.39
N LYS A 560 -47.34 46.84 -21.95
CA LYS A 560 -48.58 46.41 -22.53
C LYS A 560 -49.36 47.63 -22.99
N ALA A 561 -48.63 48.65 -23.45
CA ALA A 561 -49.24 49.89 -23.91
C ALA A 561 -48.97 50.11 -25.39
N ASP A 562 -50.03 50.48 -26.11
CA ASP A 562 -49.89 50.97 -27.47
C ASP A 562 -49.05 52.23 -27.39
N ASP A 563 -47.98 52.28 -28.18
CA ASP A 563 -47.03 53.38 -28.11
C ASP A 563 -46.19 53.28 -26.83
N LYS A 564 -45.44 52.19 -26.72
CA LYS A 564 -44.64 51.92 -25.54
C LYS A 564 -43.77 53.09 -25.09
N GLU A 565 -43.03 53.69 -26.02
CA GLU A 565 -41.92 54.57 -25.63
C GLU A 565 -42.31 55.97 -25.13
N THR A 566 -43.45 56.49 -25.60
CA THR A 566 -43.93 57.78 -25.12
C THR A 566 -44.53 57.59 -23.73
N CYS A 567 -44.81 56.33 -23.38
CA CYS A 567 -45.38 55.99 -22.08
C CYS A 567 -44.27 55.79 -21.06
N PHE A 568 -43.11 55.37 -21.54
CA PHE A 568 -41.97 55.15 -20.65
C PHE A 568 -41.40 56.49 -20.22
N ALA A 569 -41.30 57.42 -21.16
CA ALA A 569 -40.82 58.75 -20.81
C ALA A 569 -41.82 59.50 -19.93
N GLU A 570 -43.08 59.56 -20.36
CA GLU A 570 -44.09 60.33 -19.63
C GLU A 570 -44.42 59.71 -18.27
N GLU A 571 -44.77 58.43 -18.26
CA GLU A 571 -44.97 57.70 -17.02
C GLU A 571 -43.70 57.65 -16.15
N GLY A 572 -42.53 57.68 -16.78
CA GLY A 572 -41.26 57.60 -16.07
C GLY A 572 -40.91 58.90 -15.36
N LYS A 573 -41.18 60.02 -16.02
CA LYS A 573 -41.04 61.33 -15.41
C LYS A 573 -41.84 61.39 -14.10
N LYS A 574 -43.09 60.92 -14.16
CA LYS A 574 -43.97 60.87 -12.99
C LYS A 574 -43.40 59.93 -11.94
N LEU A 575 -43.14 58.69 -12.35
CA LEU A 575 -42.59 57.67 -11.46
C LEU A 575 -41.46 58.25 -10.64
N VAL A 576 -40.52 58.87 -11.32
CA VAL A 576 -39.34 59.43 -10.68
C VAL A 576 -39.63 60.60 -9.75
N ALA A 577 -40.39 61.60 -10.23
CA ALA A 577 -40.76 62.74 -9.36
C ALA A 577 -41.40 62.22 -8.07
N ALA A 578 -42.45 61.43 -8.24
CA ALA A 578 -43.18 60.85 -7.12
C ALA A 578 -42.24 60.12 -6.17
N SER A 579 -41.35 59.33 -6.75
CA SER A 579 -40.40 58.57 -5.96
C SER A 579 -39.45 59.48 -5.23
N GLN A 580 -38.86 60.44 -5.93
CA GLN A 580 -37.98 61.40 -5.26
C GLN A 580 -38.67 62.02 -4.04
N ALA A 581 -39.98 62.20 -4.10
CA ALA A 581 -40.70 62.90 -3.03
C ALA A 581 -41.03 62.01 -1.85
N ALA A 582 -41.41 60.76 -2.14
CA ALA A 582 -41.65 59.79 -1.09
C ALA A 582 -40.37 59.60 -0.32
N LEU A 583 -39.24 59.77 -1.00
CA LEU A 583 -37.95 59.53 -0.40
C LEU A 583 -37.21 60.84 -0.10
N HIS B 3 -16.69 -8.26 13.42
CA HIS B 3 -15.44 -8.08 14.16
C HIS B 3 -15.31 -6.68 14.81
N LYS B 4 -16.21 -6.36 15.73
CA LYS B 4 -16.07 -5.17 16.57
C LYS B 4 -15.05 -5.43 17.67
N SER B 5 -14.71 -6.69 17.88
CA SER B 5 -13.71 -7.04 18.89
C SER B 5 -12.80 -8.09 18.34
N GLU B 6 -11.60 -7.66 17.93
CA GLU B 6 -10.57 -8.58 17.43
C GLU B 6 -10.32 -9.78 18.37
N VAL B 7 -10.14 -9.53 19.67
CA VAL B 7 -9.86 -10.62 20.58
C VAL B 7 -10.95 -11.66 20.52
N ALA B 8 -12.18 -11.20 20.66
CA ALA B 8 -13.32 -12.10 20.63
C ALA B 8 -13.32 -12.95 19.34
N HIS B 9 -13.15 -12.27 18.21
CA HIS B 9 -13.16 -12.96 16.93
C HIS B 9 -12.04 -14.01 16.87
N ARG B 10 -10.84 -13.66 17.34
CA ARG B 10 -9.74 -14.64 17.25
C ARG B 10 -10.09 -15.81 18.14
N PHE B 11 -10.65 -15.51 19.31
CA PHE B 11 -10.93 -16.51 20.31
C PHE B 11 -11.94 -17.51 19.78
N LYS B 12 -13.08 -16.98 19.34
CA LYS B 12 -14.13 -17.76 18.72
C LYS B 12 -13.55 -18.66 17.63
N ASP B 13 -12.77 -18.05 16.73
CA ASP B 13 -12.16 -18.74 15.60
C ASP B 13 -11.11 -19.80 15.95
N LEU B 14 -10.26 -19.52 16.95
CA LEU B 14 -9.14 -20.40 17.26
C LEU B 14 -9.59 -21.46 18.24
N GLY B 15 -10.58 -21.12 19.05
CA GLY B 15 -10.96 -21.98 20.18
C GLY B 15 -10.03 -21.74 21.37
N GLU B 16 -10.54 -21.90 22.58
CA GLU B 16 -9.77 -21.55 23.77
C GLU B 16 -8.36 -22.13 23.81
N GLU B 17 -8.23 -23.43 23.59
CA GLU B 17 -6.93 -24.08 23.73
C GLU B 17 -5.90 -23.58 22.74
N ASN B 18 -6.29 -23.45 21.47
CA ASN B 18 -5.32 -22.92 20.51
C ASN B 18 -4.94 -21.44 20.82
N PHE B 19 -5.94 -20.66 21.19
CA PHE B 19 -5.72 -19.26 21.53
C PHE B 19 -4.64 -19.13 22.60
N LYS B 20 -4.80 -19.92 23.68
CA LYS B 20 -3.89 -19.89 24.83
C LYS B 20 -2.51 -20.30 24.38
N ALA B 21 -2.44 -21.30 23.52
CA ALA B 21 -1.14 -21.77 23.08
C ALA B 21 -0.48 -20.70 22.24
N LEU B 22 -1.23 -20.05 21.37
CA LEU B 22 -0.60 -19.04 20.49
C LEU B 22 -0.27 -17.77 21.27
N VAL B 23 -1.06 -17.43 22.27
CA VAL B 23 -0.70 -16.28 23.08
C VAL B 23 0.63 -16.55 23.79
N LEU B 24 0.79 -17.77 24.32
CA LEU B 24 2.05 -18.08 25.00
C LEU B 24 3.21 -17.94 24.04
N ILE B 25 3.06 -18.46 22.84
CA ILE B 25 4.16 -18.41 21.90
C ILE B 25 4.52 -16.94 21.60
N ALA B 26 3.48 -16.10 21.47
CA ALA B 26 3.66 -14.68 21.17
C ALA B 26 4.56 -14.06 22.17
N PHE B 27 4.08 -14.07 23.41
CA PHE B 27 4.77 -13.49 24.54
C PHE B 27 6.18 -14.07 24.70
N ALA B 28 6.32 -15.38 24.49
CA ALA B 28 7.65 -16.00 24.60
C ALA B 28 8.57 -15.45 23.55
N GLN B 29 8.02 -15.12 22.37
CA GLN B 29 8.82 -14.64 21.25
C GLN B 29 9.21 -13.15 21.38
N TYR B 30 8.55 -12.41 22.27
CA TYR B 30 8.87 -10.98 22.50
C TYR B 30 9.61 -10.72 23.84
N LEU B 31 9.10 -11.27 24.94
CA LEU B 31 9.79 -11.20 26.23
C LEU B 31 10.58 -12.50 26.48
N GLN B 32 11.65 -12.67 25.73
CA GLN B 32 12.42 -13.90 25.69
C GLN B 32 13.30 -14.19 26.89
N GLN B 33 13.20 -13.40 27.95
CA GLN B 33 14.08 -13.58 29.11
C GLN B 33 13.30 -13.82 30.39
N CYS B 34 12.03 -13.49 30.35
CA CYS B 34 11.17 -13.75 31.49
C CYS B 34 10.95 -15.25 31.64
N PRO B 35 10.70 -15.72 32.86
CA PRO B 35 10.51 -17.16 33.04
C PRO B 35 9.09 -17.62 32.70
N PHE B 36 9.00 -18.90 32.36
CA PHE B 36 7.76 -19.53 31.99
C PHE B 36 6.57 -19.10 32.84
N GLU B 37 6.69 -19.19 34.16
CA GLU B 37 5.56 -18.90 35.02
C GLU B 37 5.07 -17.46 34.82
N ASP B 38 5.99 -16.59 34.40
CA ASP B 38 5.65 -15.21 34.10
C ASP B 38 4.65 -15.18 32.96
N HIS B 39 4.98 -15.88 31.89
CA HIS B 39 4.15 -15.93 30.70
C HIS B 39 2.82 -16.59 31.00
N VAL B 40 2.85 -17.69 31.72
CA VAL B 40 1.59 -18.34 32.06
C VAL B 40 0.61 -17.33 32.66
N LYS B 41 1.10 -16.48 33.55
CA LYS B 41 0.22 -15.46 34.15
C LYS B 41 -0.31 -14.49 33.10
N LEU B 42 0.53 -14.14 32.14
CA LEU B 42 0.12 -13.26 31.05
C LEU B 42 -0.96 -13.92 30.24
N VAL B 43 -0.64 -15.08 29.65
CA VAL B 43 -1.61 -15.89 28.94
C VAL B 43 -2.96 -15.88 29.65
N ASN B 44 -2.95 -16.25 30.93
CA ASN B 44 -4.23 -16.42 31.63
C ASN B 44 -4.97 -15.13 31.75
N GLU B 45 -4.23 -14.04 31.98
CA GLU B 45 -4.82 -12.71 32.03
C GLU B 45 -5.41 -12.27 30.70
N VAL B 46 -4.69 -12.49 29.61
CA VAL B 46 -5.21 -12.15 28.30
C VAL B 46 -6.46 -12.99 28.02
N THR B 47 -6.30 -14.29 28.18
CA THR B 47 -7.39 -15.24 28.03
C THR B 47 -8.65 -14.85 28.77
N GLU B 48 -8.52 -14.58 30.07
CA GLU B 48 -9.66 -14.26 30.89
C GLU B 48 -10.31 -12.97 30.40
N PHE B 49 -9.52 -12.13 29.75
CA PHE B 49 -10.04 -10.89 29.21
C PHE B 49 -10.84 -11.20 27.97
N ALA B 50 -10.21 -11.99 27.10
CA ALA B 50 -10.83 -12.48 25.89
C ALA B 50 -12.26 -12.96 26.14
N LYS B 51 -12.46 -13.79 27.16
CA LYS B 51 -13.79 -14.35 27.43
C LYS B 51 -14.80 -13.25 27.73
N THR B 52 -14.34 -12.23 28.44
CA THR B 52 -15.13 -11.02 28.66
C THR B 52 -15.72 -10.52 27.36
N CYS B 53 -14.87 -10.46 26.33
CA CYS B 53 -15.27 -9.84 25.08
C CYS B 53 -16.14 -10.79 24.26
N VAL B 54 -15.78 -12.07 24.20
CA VAL B 54 -16.66 -13.11 23.66
C VAL B 54 -18.05 -13.03 24.26
N ALA B 55 -18.13 -12.89 25.58
CA ALA B 55 -19.44 -12.79 26.24
C ALA B 55 -20.14 -11.47 25.90
N ASP B 56 -19.36 -10.40 25.73
CA ASP B 56 -19.92 -9.12 25.29
C ASP B 56 -18.90 -8.22 24.56
N GLU B 57 -19.01 -8.19 23.23
CA GLU B 57 -18.01 -7.51 22.41
C GLU B 57 -17.93 -6.01 22.70
N SER B 58 -18.95 -5.48 23.38
CA SER B 58 -19.01 -4.08 23.77
C SER B 58 -18.38 -3.75 25.13
N ALA B 59 -18.03 -4.76 25.91
CA ALA B 59 -17.39 -4.53 27.21
C ALA B 59 -16.06 -3.77 27.06
N GLU B 60 -15.65 -3.08 28.13
CA GLU B 60 -14.52 -2.14 28.08
C GLU B 60 -13.25 -2.75 27.48
N ASN B 61 -12.61 -2.00 26.58
CA ASN B 61 -11.33 -2.42 26.00
C ASN B 61 -11.41 -3.47 24.88
N CYS B 62 -12.55 -4.14 24.76
CA CYS B 62 -12.72 -5.19 23.75
C CYS B 62 -12.63 -4.64 22.35
N ASP B 63 -12.85 -3.34 22.21
CA ASP B 63 -12.71 -2.75 20.90
C ASP B 63 -11.26 -2.43 20.55
N LYS B 64 -10.36 -2.47 21.53
CA LYS B 64 -8.96 -2.19 21.23
C LYS B 64 -8.46 -3.20 20.19
N SER B 65 -7.54 -2.75 19.34
CA SER B 65 -6.91 -3.64 18.38
C SER B 65 -5.96 -4.59 19.11
N LEU B 66 -5.64 -5.71 18.46
CA LEU B 66 -4.75 -6.71 19.07
C LEU B 66 -3.33 -6.18 19.29
N HIS B 67 -2.73 -5.59 18.27
CA HIS B 67 -1.43 -4.93 18.44
C HIS B 67 -1.47 -4.04 19.66
N THR B 68 -2.53 -3.25 19.80
CA THR B 68 -2.69 -2.37 20.94
C THR B 68 -2.66 -3.15 22.26
N LEU B 69 -3.56 -4.12 22.39
CA LEU B 69 -3.66 -4.94 23.59
C LEU B 69 -2.36 -5.68 23.89
N PHE B 70 -1.75 -6.30 22.90
CA PHE B 70 -0.49 -6.96 23.11
C PHE B 70 0.52 -5.97 23.66
N GLY B 71 0.73 -4.88 22.93
CA GLY B 71 1.68 -3.88 23.37
C GLY B 71 1.44 -3.39 24.79
N ASP B 72 0.18 -3.25 25.16
CA ASP B 72 -0.15 -2.77 26.49
C ASP B 72 0.36 -3.71 27.56
N LYS B 73 0.06 -5.00 27.41
CA LYS B 73 0.49 -6.00 28.37
C LYS B 73 2.00 -6.00 28.43
N LEU B 74 2.64 -5.98 27.26
CA LEU B 74 4.10 -5.96 27.18
C LEU B 74 4.62 -4.80 28.04
N CYS B 75 3.91 -3.67 27.99
CA CYS B 75 4.31 -2.49 28.74
C CYS B 75 3.90 -2.49 30.18
N THR B 76 3.20 -3.53 30.60
CA THR B 76 2.83 -3.68 32.00
C THR B 76 3.83 -4.57 32.73
N VAL B 77 4.76 -5.17 32.00
CA VAL B 77 5.84 -5.88 32.66
C VAL B 77 6.77 -4.90 33.39
N ALA B 78 6.79 -4.98 34.72
CA ALA B 78 7.52 -4.03 35.55
C ALA B 78 9.05 -4.12 35.39
N THR B 79 9.55 -5.32 35.10
CA THR B 79 10.97 -5.52 34.90
C THR B 79 11.44 -5.17 33.48
N LEU B 80 10.60 -4.50 32.69
CA LEU B 80 10.92 -4.35 31.26
C LEU B 80 12.27 -3.65 31.03
N ARG B 81 12.40 -2.43 31.54
CA ARG B 81 13.64 -1.68 31.41
C ARG B 81 14.85 -2.43 31.95
N GLU B 82 14.71 -3.00 33.15
CA GLU B 82 15.83 -3.69 33.80
C GLU B 82 16.33 -4.86 32.97
N THR B 83 15.41 -5.64 32.44
CA THR B 83 15.80 -6.87 31.76
C THR B 83 16.16 -6.65 30.30
N TYR B 84 15.47 -5.71 29.68
CA TYR B 84 15.48 -5.60 28.23
C TYR B 84 16.07 -4.27 27.76
N GLY B 85 16.11 -3.30 28.66
CA GLY B 85 16.74 -2.01 28.37
C GLY B 85 16.02 -1.18 27.34
N GLU B 86 16.58 -1.12 26.12
CA GLU B 86 16.04 -0.32 25.03
C GLU B 86 14.55 -0.59 24.88
N MET B 87 14.24 -1.88 24.81
CA MET B 87 12.89 -2.32 24.49
C MET B 87 11.84 -1.55 25.27
N ALA B 88 12.15 -1.24 26.51
CA ALA B 88 11.20 -0.52 27.33
C ALA B 88 10.95 0.87 26.75
N ASP B 89 11.85 1.36 25.91
CA ASP B 89 11.66 2.67 25.29
C ASP B 89 10.51 2.65 24.28
N CYS B 90 10.29 1.50 23.67
CA CYS B 90 9.15 1.32 22.74
C CYS B 90 7.84 1.74 23.39
N CYS B 91 7.77 1.65 24.71
CA CYS B 91 6.52 1.93 25.40
C CYS B 91 6.20 3.43 25.40
N ALA B 92 7.19 4.24 25.05
CA ALA B 92 6.99 5.67 24.89
C ALA B 92 6.29 6.02 23.58
N LYS B 93 6.21 5.08 22.65
CA LYS B 93 5.59 5.33 21.35
C LYS B 93 4.10 4.99 21.31
N GLN B 94 3.37 5.63 20.40
CA GLN B 94 1.98 5.32 20.16
C GLN B 94 1.97 4.27 19.05
N GLU B 95 0.81 3.66 18.83
CA GLU B 95 0.82 2.29 18.35
C GLU B 95 1.52 1.92 17.03
N PRO B 96 1.13 2.53 15.91
CA PRO B 96 1.78 1.91 14.74
C PRO B 96 3.28 1.77 15.06
N GLU B 97 3.84 2.86 15.59
CA GLU B 97 5.25 2.93 15.99
C GLU B 97 5.65 1.99 17.13
N ARG B 98 4.78 1.82 18.12
CA ARG B 98 5.12 0.94 19.25
C ARG B 98 5.35 -0.50 18.80
N ASN B 99 4.35 -1.07 18.14
CA ASN B 99 4.45 -2.44 17.66
C ASN B 99 5.72 -2.62 16.84
N GLU B 100 5.99 -1.65 15.97
CA GLU B 100 7.12 -1.75 15.08
C GLU B 100 8.42 -1.69 15.88
N CYS B 101 8.48 -0.81 16.87
CA CYS B 101 9.65 -0.75 17.76
C CYS B 101 9.84 -2.11 18.47
N PHE B 102 8.76 -2.62 19.07
CA PHE B 102 8.82 -3.97 19.68
C PHE B 102 9.34 -5.03 18.70
N LEU B 103 8.89 -4.95 17.45
CA LEU B 103 9.23 -5.96 16.45
C LEU B 103 10.73 -5.97 16.24
N GLN B 104 11.28 -4.77 16.06
CA GLN B 104 12.72 -4.61 15.82
C GLN B 104 13.60 -5.11 16.98
N HIS B 105 13.06 -5.18 18.19
CA HIS B 105 13.87 -5.58 19.34
C HIS B 105 13.81 -7.08 19.67
N LYS B 106 13.21 -7.87 18.80
CA LYS B 106 13.31 -9.32 18.96
C LYS B 106 14.78 -9.70 18.79
N ASP B 107 15.26 -10.58 19.68
CA ASP B 107 16.64 -11.02 19.66
C ASP B 107 16.77 -12.41 19.00
N ASP B 108 17.08 -12.43 17.70
CA ASP B 108 17.26 -13.70 16.98
C ASP B 108 18.55 -14.36 17.45
N ASN B 109 18.55 -15.69 17.44
CA ASN B 109 19.63 -16.44 18.07
C ASN B 109 20.39 -15.67 19.17
N PRO B 110 19.69 -15.40 20.29
CA PRO B 110 20.22 -14.78 21.50
C PRO B 110 21.22 -15.71 22.14
N ASN B 111 21.37 -15.63 23.45
CA ASN B 111 22.35 -16.47 24.12
C ASN B 111 21.74 -17.14 25.36
N LEU B 112 21.17 -18.32 25.11
CA LEU B 112 20.59 -19.16 26.14
C LEU B 112 21.30 -20.51 26.05
N PRO B 113 21.40 -21.22 27.19
CA PRO B 113 22.06 -22.54 27.23
C PRO B 113 21.40 -23.44 26.22
N ARG B 114 22.11 -24.43 25.70
CA ARG B 114 21.48 -25.29 24.70
C ARG B 114 20.46 -26.17 25.39
N LEU B 115 19.39 -26.50 24.67
CA LEU B 115 18.30 -27.27 25.28
C LEU B 115 18.66 -28.74 25.39
N VAL B 116 18.65 -29.24 26.62
CA VAL B 116 18.96 -30.64 26.88
C VAL B 116 17.70 -31.50 26.78
N ARG B 117 17.83 -32.60 26.02
CA ARG B 117 16.81 -33.64 25.97
C ARG B 117 17.00 -34.55 27.17
N PRO B 118 16.02 -34.61 28.07
CA PRO B 118 16.15 -35.44 29.27
C PRO B 118 16.15 -36.90 28.86
N GLU B 119 16.42 -37.78 29.81
CA GLU B 119 16.27 -39.22 29.56
C GLU B 119 14.80 -39.52 29.33
N VAL B 120 14.52 -40.49 28.47
CA VAL B 120 13.15 -40.96 28.18
C VAL B 120 12.30 -41.09 29.45
N ASP B 121 12.83 -41.80 30.43
CA ASP B 121 12.10 -42.05 31.66
C ASP B 121 11.62 -40.73 32.24
N VAL B 122 12.53 -39.77 32.37
CA VAL B 122 12.19 -38.46 32.92
C VAL B 122 11.07 -37.81 32.10
N MET B 123 11.26 -37.76 30.79
CA MET B 123 10.26 -37.16 29.90
C MET B 123 8.87 -37.77 30.13
N CYS B 124 8.74 -39.08 29.89
CA CYS B 124 7.47 -39.76 30.06
C CYS B 124 6.83 -39.48 31.40
N THR B 125 7.63 -39.51 32.47
CA THR B 125 7.09 -39.24 33.79
C THR B 125 6.58 -37.82 33.94
N ALA B 126 7.31 -36.83 33.41
CA ALA B 126 6.88 -35.44 33.56
C ALA B 126 5.60 -35.26 32.73
N PHE B 127 5.68 -35.68 31.48
CA PHE B 127 4.52 -35.73 30.59
C PHE B 127 3.30 -36.35 31.27
N HIS B 128 3.40 -37.61 31.68
CA HIS B 128 2.31 -38.24 32.40
C HIS B 128 1.84 -37.41 33.59
N ASP B 129 2.77 -36.86 34.38
CA ASP B 129 2.40 -36.16 35.61
C ASP B 129 1.72 -34.81 35.32
N ASN B 130 2.12 -34.17 34.24
CA ASN B 130 1.57 -32.86 33.93
C ASN B 130 1.82 -32.51 32.47
N GLU B 131 1.04 -33.17 31.64
CA GLU B 131 1.07 -33.02 30.21
C GLU B 131 1.25 -31.56 29.79
N GLU B 132 0.36 -30.71 30.26
CA GLU B 132 0.26 -29.38 29.70
C GLU B 132 1.52 -28.57 29.93
N THR B 133 1.89 -28.41 31.19
CA THR B 133 3.12 -27.70 31.53
C THR B 133 4.34 -28.41 30.92
N PHE B 134 4.29 -29.72 30.84
CA PHE B 134 5.43 -30.38 30.26
C PHE B 134 5.59 -29.85 28.84
N LEU B 135 4.50 -29.87 28.08
CA LEU B 135 4.57 -29.51 26.65
C LEU B 135 4.79 -28.00 26.45
N LYS B 136 4.09 -27.16 27.22
CA LYS B 136 4.18 -25.71 27.04
C LYS B 136 5.49 -25.08 27.52
N LYS B 137 6.05 -25.58 28.62
CA LYS B 137 7.40 -25.17 29.05
C LYS B 137 8.32 -25.30 27.86
N TYR B 138 8.25 -26.46 27.20
CA TYR B 138 9.14 -26.68 26.08
C TYR B 138 8.71 -25.90 24.86
N LEU B 139 7.42 -25.55 24.78
CA LEU B 139 6.94 -24.70 23.69
C LEU B 139 7.54 -23.30 23.86
N TYR B 140 7.49 -22.83 25.09
CA TYR B 140 8.20 -21.65 25.57
C TYR B 140 9.69 -21.71 25.31
N GLU B 141 10.35 -22.84 25.65
CA GLU B 141 11.80 -22.90 25.52
C GLU B 141 12.23 -22.76 24.06
N ILE B 142 11.44 -23.34 23.17
CA ILE B 142 11.77 -23.33 21.76
C ILE B 142 11.39 -21.98 21.16
N ALA B 143 10.23 -21.49 21.58
CA ALA B 143 9.70 -20.21 21.10
C ALA B 143 10.66 -19.05 21.43
N ARG B 144 11.01 -18.90 22.70
CA ARG B 144 11.94 -17.86 23.14
C ARG B 144 13.31 -17.95 22.44
N ARG B 145 13.69 -19.13 21.98
CA ARG B 145 14.97 -19.29 21.30
C ARG B 145 14.89 -19.02 19.80
N HIS B 146 13.69 -18.83 19.26
CA HIS B 146 13.53 -18.50 17.84
C HIS B 146 12.39 -17.51 17.63
N PRO B 147 12.56 -16.27 18.08
CA PRO B 147 11.40 -15.37 18.07
C PRO B 147 10.85 -15.06 16.66
N TYR B 148 11.48 -15.55 15.59
CA TYR B 148 10.92 -15.37 14.24
C TYR B 148 10.42 -16.69 13.58
N PHE B 149 10.18 -17.71 14.39
CA PHE B 149 9.64 -18.96 13.84
C PHE B 149 8.12 -18.82 13.79
N TYR B 150 7.55 -18.93 12.61
CA TYR B 150 6.09 -18.69 12.44
C TYR B 150 5.31 -19.41 13.54
N ALA B 151 4.68 -18.63 14.41
CA ALA B 151 4.06 -19.22 15.59
C ALA B 151 3.21 -20.48 15.32
N PRO B 152 2.25 -20.42 14.40
CA PRO B 152 1.31 -21.55 14.37
C PRO B 152 1.95 -22.86 13.95
N GLU B 153 3.06 -22.78 13.26
CA GLU B 153 3.71 -24.00 12.85
C GLU B 153 4.51 -24.57 14.03
N LEU B 154 4.82 -23.70 14.99
CA LEU B 154 5.44 -24.12 16.23
C LEU B 154 4.38 -24.91 17.01
N LEU B 155 3.18 -24.34 17.08
CA LEU B 155 2.03 -25.04 17.61
C LEU B 155 1.80 -26.35 16.84
N PHE B 156 2.05 -26.37 15.53
CA PHE B 156 1.83 -27.60 14.78
C PHE B 156 2.84 -28.69 15.22
N PHE B 157 4.06 -28.28 15.55
CA PHE B 157 5.06 -29.19 16.06
C PHE B 157 4.69 -29.74 17.44
N ALA B 158 4.31 -28.86 18.33
CA ALA B 158 3.97 -29.25 19.68
C ALA B 158 2.96 -30.42 19.69
N LYS B 159 1.83 -30.27 19.00
CA LYS B 159 0.79 -31.32 18.94
C LYS B 159 1.34 -32.67 18.45
N ARG B 160 2.33 -32.60 17.55
CA ARG B 160 3.03 -33.78 17.07
C ARG B 160 3.95 -34.36 18.14
N TYR B 161 4.59 -33.53 18.94
CA TYR B 161 5.34 -34.06 20.05
C TYR B 161 4.39 -34.81 20.97
N LYS B 162 3.28 -34.16 21.30
CA LYS B 162 2.25 -34.74 22.16
C LYS B 162 1.84 -36.14 21.68
N ALA B 163 1.70 -36.31 20.37
CA ALA B 163 1.34 -37.61 19.83
C ALA B 163 2.49 -38.62 19.99
N ALA B 164 3.73 -38.15 19.88
CA ALA B 164 4.89 -38.99 20.11
C ALA B 164 4.90 -39.52 21.57
N PHE B 165 4.73 -38.61 22.52
CA PHE B 165 4.71 -39.04 23.91
C PHE B 165 3.56 -39.97 24.26
N THR B 166 2.35 -39.62 23.82
CA THR B 166 1.18 -40.42 24.15
C THR B 166 1.37 -41.88 23.76
N GLU B 167 1.73 -42.09 22.49
CA GLU B 167 1.99 -43.41 21.95
C GLU B 167 3.16 -44.11 22.66
N CYS B 168 4.24 -43.34 22.88
CA CYS B 168 5.50 -43.95 23.28
C CYS B 168 5.67 -44.18 24.77
N CYS B 169 5.17 -43.28 25.61
CA CYS B 169 5.23 -43.48 27.05
C CYS B 169 4.31 -44.58 27.56
N GLN B 170 3.61 -45.25 26.67
CA GLN B 170 2.77 -46.37 27.09
C GLN B 170 3.41 -47.64 26.53
N ALA B 171 4.56 -47.46 25.88
CA ALA B 171 5.17 -48.53 25.10
C ALA B 171 6.07 -49.46 25.89
N ALA B 172 6.35 -50.62 25.29
CA ALA B 172 7.20 -51.62 25.90
C ALA B 172 8.61 -51.08 25.88
N ASP B 173 9.16 -50.91 24.68
CA ASP B 173 10.45 -50.27 24.56
C ASP B 173 10.23 -48.76 24.34
N LYS B 174 9.76 -48.10 25.39
CA LYS B 174 9.57 -46.67 25.41
C LYS B 174 10.62 -45.96 24.55
N ALA B 175 11.89 -46.14 24.89
CA ALA B 175 12.97 -45.39 24.26
C ALA B 175 13.14 -45.67 22.78
N ALA B 176 12.96 -46.92 22.36
CA ALA B 176 13.22 -47.30 20.97
C ALA B 176 12.11 -46.82 20.04
N CYS B 177 10.97 -46.50 20.63
CA CYS B 177 9.83 -45.96 19.90
C CYS B 177 9.93 -44.42 19.89
N LEU B 178 10.36 -43.84 21.00
CA LEU B 178 10.40 -42.39 21.15
C LEU B 178 11.58 -41.72 20.43
N LEU B 179 12.81 -42.10 20.80
CA LEU B 179 13.98 -41.38 20.32
C LEU B 179 14.03 -41.14 18.81
N PRO B 180 13.65 -42.15 18.01
CA PRO B 180 13.63 -41.85 16.57
C PRO B 180 12.59 -40.79 16.25
N LYS B 181 11.40 -40.89 16.82
CA LYS B 181 10.37 -39.89 16.55
C LYS B 181 10.87 -38.50 16.92
N LEU B 182 11.45 -38.36 18.12
CA LEU B 182 11.98 -37.09 18.57
C LEU B 182 13.09 -36.59 17.62
N ASP B 183 13.90 -37.52 17.09
CA ASP B 183 14.94 -37.15 16.15
C ASP B 183 14.32 -36.66 14.86
N GLU B 184 13.27 -37.34 14.39
CA GLU B 184 12.59 -36.93 13.16
C GLU B 184 12.10 -35.49 13.32
N LEU B 185 11.47 -35.21 14.45
CA LEU B 185 10.91 -33.90 14.71
C LEU B 185 11.98 -32.80 14.77
N ARG B 186 13.02 -33.06 15.56
CA ARG B 186 14.12 -32.13 15.74
C ARG B 186 14.74 -31.76 14.40
N ASP B 187 14.89 -32.77 13.55
CA ASP B 187 15.48 -32.58 12.24
C ASP B 187 14.57 -31.76 11.36
N GLU B 188 13.27 -31.95 11.54
CA GLU B 188 12.26 -31.19 10.80
C GLU B 188 12.16 -29.73 11.28
N GLY B 189 12.22 -29.51 12.59
CA GLY B 189 12.25 -28.16 13.13
C GLY B 189 13.38 -27.37 12.50
N LYS B 190 14.59 -27.56 13.02
CA LYS B 190 15.81 -27.05 12.42
C LYS B 190 15.70 -26.70 10.93
N ALA B 191 15.22 -27.66 10.14
CA ALA B 191 14.99 -27.44 8.72
C ALA B 191 13.98 -26.32 8.49
N SER B 192 12.76 -26.51 8.96
CA SER B 192 11.73 -25.49 8.87
C SER B 192 12.28 -24.12 9.23
N SER B 193 12.79 -23.99 10.45
CA SER B 193 13.37 -22.74 10.94
C SER B 193 14.42 -22.18 9.99
N ALA B 194 14.99 -23.04 9.15
CA ALA B 194 16.05 -22.59 8.26
C ALA B 194 15.57 -22.27 6.85
N LYS B 195 14.55 -22.97 6.36
CA LYS B 195 13.92 -22.64 5.10
C LYS B 195 13.30 -21.25 5.19
N GLN B 196 12.67 -20.99 6.32
CA GLN B 196 12.07 -19.68 6.59
C GLN B 196 13.11 -18.59 6.39
N ARG B 197 14.21 -18.62 7.15
CA ARG B 197 15.23 -17.59 7.01
C ARG B 197 15.83 -17.56 5.61
N LEU B 198 16.17 -18.72 5.06
CA LEU B 198 16.68 -18.76 3.70
C LEU B 198 15.78 -18.06 2.68
N LYS B 199 14.47 -18.35 2.71
CA LYS B 199 13.60 -17.84 1.65
C LYS B 199 13.50 -16.32 1.74
N CYS B 200 13.43 -15.81 2.97
CA CYS B 200 13.37 -14.37 3.21
C CYS B 200 14.67 -13.74 2.72
N ALA B 201 15.80 -14.37 3.00
CA ALA B 201 17.10 -13.85 2.54
C ALA B 201 17.16 -13.85 1.01
N SER B 202 16.38 -14.71 0.38
CA SER B 202 16.39 -14.79 -1.08
C SER B 202 15.58 -13.65 -1.66
N LEU B 203 14.49 -13.32 -1.00
CA LEU B 203 13.68 -12.20 -1.42
C LEU B 203 14.55 -10.95 -1.39
N GLN B 204 15.30 -10.79 -0.29
CA GLN B 204 16.13 -9.61 -0.08
C GLN B 204 17.26 -9.51 -1.09
N LYS B 205 18.04 -10.59 -1.25
CA LYS B 205 19.19 -10.54 -2.15
C LYS B 205 18.76 -10.39 -3.61
N PHE B 206 17.88 -11.27 -4.09
CA PHE B 206 17.61 -11.39 -5.52
C PHE B 206 16.36 -10.65 -5.99
N GLY B 207 15.50 -10.28 -5.06
CA GLY B 207 14.43 -9.35 -5.42
C GLY B 207 13.13 -10.04 -5.77
N GLU B 208 12.08 -9.24 -5.85
CA GLU B 208 10.71 -9.74 -6.01
C GLU B 208 10.52 -10.60 -7.27
N ARG B 209 10.96 -10.08 -8.42
CA ARG B 209 10.86 -10.80 -9.68
C ARG B 209 11.39 -12.25 -9.60
N ALA B 210 12.50 -12.43 -8.91
CA ALA B 210 13.05 -13.77 -8.75
C ALA B 210 12.12 -14.65 -7.92
N PHE B 211 11.67 -14.14 -6.79
CA PHE B 211 10.78 -14.92 -5.97
C PHE B 211 9.55 -15.33 -6.80
N LYS B 212 9.00 -14.38 -7.55
CA LYS B 212 7.84 -14.65 -8.41
C LYS B 212 8.11 -15.78 -9.40
N ALA B 213 9.33 -15.82 -9.90
CA ALA B 213 9.69 -16.88 -10.84
C ALA B 213 9.52 -18.20 -10.12
N TRP B 214 9.98 -18.21 -8.88
CA TRP B 214 10.09 -19.41 -8.10
C TRP B 214 8.70 -19.86 -7.70
N ALA B 215 7.84 -18.89 -7.37
CA ALA B 215 6.48 -19.21 -6.95
C ALA B 215 5.70 -19.81 -8.10
N VAL B 216 6.00 -19.34 -9.31
CA VAL B 216 5.34 -19.83 -10.51
C VAL B 216 5.59 -21.31 -10.74
N ALA B 217 6.85 -21.68 -10.80
CA ALA B 217 7.26 -23.05 -10.98
C ALA B 217 6.56 -23.94 -9.95
N ARG B 218 6.73 -23.54 -8.69
CA ARG B 218 6.23 -24.26 -7.54
C ARG B 218 4.74 -24.46 -7.61
N LEU B 219 4.02 -23.37 -7.82
CA LEU B 219 2.55 -23.36 -7.86
C LEU B 219 1.99 -24.13 -9.05
N SER B 220 2.65 -24.01 -10.21
CA SER B 220 2.25 -24.71 -11.44
C SER B 220 2.43 -26.21 -11.28
N GLN B 221 3.39 -26.59 -10.44
CA GLN B 221 3.65 -28.00 -10.19
C GLN B 221 2.54 -28.58 -9.36
N ARG B 222 2.03 -27.85 -8.36
CA ARG B 222 0.95 -28.42 -7.54
C ARG B 222 -0.37 -28.37 -8.27
N PHE B 223 -0.61 -27.27 -8.98
CA PHE B 223 -1.92 -27.01 -9.55
C PHE B 223 -1.93 -27.05 -11.08
N PRO B 224 -1.51 -28.18 -11.66
CA PRO B 224 -1.35 -28.21 -13.11
C PRO B 224 -2.62 -27.86 -13.88
N LYS B 225 -3.80 -28.08 -13.29
CA LYS B 225 -5.05 -27.88 -14.04
C LYS B 225 -5.46 -26.40 -14.06
N ALA B 226 -4.79 -25.61 -13.22
CA ALA B 226 -5.13 -24.20 -13.11
C ALA B 226 -4.68 -23.42 -14.35
N GLU B 227 -5.50 -22.47 -14.77
CA GLU B 227 -5.14 -21.58 -15.87
C GLU B 227 -4.01 -20.64 -15.43
N PHE B 228 -3.14 -20.26 -16.37
CA PHE B 228 -2.07 -19.31 -16.06
C PHE B 228 -2.57 -18.03 -15.38
N ALA B 229 -3.68 -17.45 -15.86
CA ALA B 229 -4.18 -16.22 -15.27
C ALA B 229 -4.39 -16.40 -13.76
N GLU B 230 -4.60 -17.65 -13.35
CA GLU B 230 -4.97 -18.00 -11.98
C GLU B 230 -3.71 -18.28 -11.16
N VAL B 231 -2.78 -19.02 -11.74
CA VAL B 231 -1.47 -19.17 -11.14
C VAL B 231 -0.86 -17.80 -10.89
N SER B 232 -1.05 -16.87 -11.82
CA SER B 232 -0.48 -15.54 -11.70
C SER B 232 -1.09 -14.76 -10.54
N LYS B 233 -2.40 -14.88 -10.41
CA LYS B 233 -3.11 -14.32 -9.28
C LYS B 233 -2.46 -14.81 -7.99
N LEU B 234 -2.23 -16.12 -7.90
CA LEU B 234 -1.68 -16.71 -6.67
C LEU B 234 -0.26 -16.27 -6.40
N VAL B 235 0.58 -16.25 -7.44
CA VAL B 235 1.99 -15.84 -7.27
C VAL B 235 2.04 -14.40 -6.75
N THR B 236 1.34 -13.50 -7.43
CA THR B 236 1.20 -12.13 -6.95
C THR B 236 0.87 -12.06 -5.44
N ASP B 237 -0.22 -12.71 -5.03
CA ASP B 237 -0.61 -12.70 -3.63
C ASP B 237 0.38 -13.45 -2.74
N LEU B 238 0.93 -14.56 -3.23
CA LEU B 238 1.98 -15.27 -2.51
C LEU B 238 3.14 -14.33 -2.23
N THR B 239 3.58 -13.62 -3.25
CA THR B 239 4.66 -12.66 -3.06
C THR B 239 4.34 -11.69 -1.93
N LYS B 240 3.19 -11.04 -2.02
CA LYS B 240 2.78 -10.14 -0.93
C LYS B 240 2.83 -10.86 0.44
N VAL B 241 2.42 -12.12 0.48
CA VAL B 241 2.35 -12.85 1.75
C VAL B 241 3.76 -13.02 2.32
N HIS B 242 4.67 -13.40 1.43
CA HIS B 242 6.02 -13.75 1.83
C HIS B 242 6.75 -12.50 2.32
N THR B 243 6.43 -11.38 1.69
CA THR B 243 7.03 -10.09 2.01
C THR B 243 6.57 -9.64 3.40
N GLU B 244 5.27 -9.56 3.65
CA GLU B 244 4.81 -9.31 5.02
C GLU B 244 5.42 -10.32 6.03
N CYS B 245 5.21 -11.62 5.85
CA CYS B 245 5.73 -12.62 6.79
C CYS B 245 7.24 -12.46 7.08
N CYS B 246 8.04 -12.17 6.05
CA CYS B 246 9.48 -11.96 6.23
C CYS B 246 9.77 -10.73 7.12
N HIS B 247 8.90 -9.73 7.08
CA HIS B 247 9.01 -8.58 7.98
C HIS B 247 8.72 -8.93 9.46
N GLY B 248 7.99 -10.01 9.69
CA GLY B 248 7.95 -10.61 11.02
C GLY B 248 6.77 -10.36 11.95
N ASP B 249 5.84 -9.49 11.57
CA ASP B 249 4.67 -9.26 12.42
C ASP B 249 3.75 -10.48 12.34
N LEU B 250 3.47 -11.10 13.49
CA LEU B 250 2.66 -12.33 13.53
C LEU B 250 1.24 -12.16 12.99
N LEU B 251 0.52 -11.12 13.46
CA LEU B 251 -0.87 -10.90 13.07
C LEU B 251 -1.04 -10.60 11.58
N GLU B 252 -0.21 -9.72 11.06
CA GLU B 252 -0.30 -9.33 9.67
C GLU B 252 0.10 -10.52 8.80
N CYS B 253 1.11 -11.28 9.21
CA CYS B 253 1.48 -12.50 8.45
C CYS B 253 0.31 -13.48 8.42
N ALA B 254 -0.29 -13.68 9.59
CA ALA B 254 -1.34 -14.67 9.73
C ALA B 254 -2.60 -14.29 8.92
N ASP B 255 -3.01 -13.03 8.98
CA ASP B 255 -4.17 -12.62 8.20
C ASP B 255 -3.88 -12.72 6.70
N ASP B 256 -2.69 -12.31 6.26
CA ASP B 256 -2.38 -12.45 4.85
C ASP B 256 -2.45 -13.93 4.44
N ARG B 257 -1.96 -14.82 5.30
CA ARG B 257 -1.92 -16.25 4.93
C ARG B 257 -3.33 -16.79 4.88
N ALA B 258 -4.13 -16.47 5.90
CA ALA B 258 -5.50 -16.92 5.98
C ALA B 258 -6.36 -16.39 4.83
N ASP B 259 -6.12 -15.14 4.42
CA ASP B 259 -6.83 -14.52 3.31
C ASP B 259 -6.62 -15.29 2.01
N LEU B 260 -5.38 -15.67 1.78
CA LEU B 260 -5.01 -16.35 0.55
C LEU B 260 -5.60 -17.73 0.56
N ALA B 261 -5.66 -18.34 1.73
CA ALA B 261 -6.18 -19.70 1.85
C ALA B 261 -7.68 -19.72 1.60
N LYS B 262 -8.38 -18.67 2.02
CA LYS B 262 -9.82 -18.61 1.81
C LYS B 262 -10.06 -18.51 0.32
N TYR B 263 -9.31 -17.63 -0.32
CA TYR B 263 -9.43 -17.44 -1.74
C TYR B 263 -9.23 -18.77 -2.44
N ILE B 264 -8.20 -19.50 -2.03
CA ILE B 264 -7.93 -20.76 -2.69
C ILE B 264 -9.13 -21.70 -2.52
N CYS B 265 -9.67 -21.79 -1.30
CA CYS B 265 -10.75 -22.74 -1.03
C CYS B 265 -12.05 -22.33 -1.69
N GLU B 266 -12.15 -21.04 -2.02
CA GLU B 266 -13.32 -20.51 -2.68
C GLU B 266 -13.23 -20.81 -4.18
N ASN B 267 -12.09 -21.31 -4.62
CA ASN B 267 -11.88 -21.49 -6.04
C ASN B 267 -11.23 -22.80 -6.37
N GLN B 268 -11.48 -23.80 -5.54
CA GLN B 268 -10.86 -25.11 -5.71
C GLN B 268 -11.04 -25.60 -7.12
N ASP B 269 -12.26 -25.42 -7.63
CA ASP B 269 -12.67 -25.88 -8.97
C ASP B 269 -11.75 -25.37 -10.07
N SER B 270 -11.31 -24.13 -9.93
CA SER B 270 -10.38 -23.56 -10.89
C SER B 270 -8.92 -23.71 -10.46
N ILE B 271 -8.67 -24.40 -9.35
CA ILE B 271 -7.31 -24.55 -8.84
C ILE B 271 -6.80 -26.00 -8.75
N SER B 272 -7.46 -26.84 -7.97
CA SER B 272 -7.03 -28.23 -7.83
C SER B 272 -8.10 -29.11 -7.14
N SER B 273 -8.21 -30.36 -7.57
CA SER B 273 -9.28 -31.19 -7.07
C SER B 273 -8.92 -31.84 -5.74
N LYS B 274 -7.73 -31.53 -5.23
CA LYS B 274 -7.20 -32.23 -4.06
C LYS B 274 -7.23 -31.35 -2.82
N LEU B 275 -7.92 -30.22 -2.91
CA LEU B 275 -7.94 -29.24 -1.82
C LEU B 275 -9.10 -29.46 -0.85
N LYS B 276 -9.94 -30.45 -1.14
CA LYS B 276 -11.25 -30.62 -0.49
C LYS B 276 -11.21 -30.66 1.04
N GLU B 277 -10.40 -31.56 1.58
CA GLU B 277 -10.26 -31.75 3.02
C GLU B 277 -9.52 -30.60 3.72
N CYS B 278 -8.44 -30.10 3.11
CA CYS B 278 -7.73 -28.97 3.70
C CYS B 278 -8.71 -27.79 3.86
N CYS B 279 -9.46 -27.53 2.81
CA CYS B 279 -10.43 -26.42 2.79
C CYS B 279 -11.65 -26.64 3.69
N GLU B 280 -11.80 -27.85 4.22
CA GLU B 280 -12.78 -28.05 5.28
C GLU B 280 -12.16 -27.88 6.69
N LYS B 281 -10.83 -27.84 6.78
CA LYS B 281 -10.16 -27.63 8.09
C LYS B 281 -10.42 -26.23 8.66
N PRO B 282 -10.29 -26.08 9.98
CA PRO B 282 -10.59 -24.75 10.54
C PRO B 282 -9.48 -23.76 10.21
N LEU B 283 -9.75 -22.47 10.40
CA LEU B 283 -8.79 -21.45 9.99
C LEU B 283 -7.33 -21.74 10.31
N LEU B 284 -7.05 -22.06 11.56
CA LEU B 284 -5.68 -22.26 12.03
C LEU B 284 -4.88 -23.18 11.13
N GLU B 285 -5.55 -24.19 10.60
CA GLU B 285 -4.87 -25.26 9.90
C GLU B 285 -4.95 -25.15 8.39
N LYS B 286 -5.78 -24.24 7.90
CA LYS B 286 -6.13 -24.26 6.47
C LYS B 286 -4.89 -24.02 5.60
N SER B 287 -4.26 -22.87 5.74
CA SER B 287 -3.13 -22.55 4.86
C SER B 287 -1.94 -23.52 5.07
N HIS B 288 -1.75 -23.99 6.30
CA HIS B 288 -0.69 -24.96 6.52
C HIS B 288 -0.94 -26.18 5.66
N CYS B 289 -2.17 -26.70 5.77
CA CYS B 289 -2.64 -27.88 5.04
C CYS B 289 -2.50 -27.71 3.53
N ILE B 290 -2.94 -26.55 3.01
CA ILE B 290 -2.83 -26.30 1.59
C ILE B 290 -1.35 -26.35 1.15
N ALA B 291 -0.44 -25.89 2.02
CA ALA B 291 0.98 -25.91 1.69
C ALA B 291 1.54 -27.32 1.65
N GLU B 292 0.87 -28.24 2.33
CA GLU B 292 1.30 -29.65 2.34
C GLU B 292 0.69 -30.46 1.21
N VAL B 293 -0.33 -29.90 0.56
CA VAL B 293 -1.16 -30.72 -0.32
C VAL B 293 -0.32 -31.41 -1.37
N GLU B 294 -0.76 -32.58 -1.79
CA GLU B 294 -0.07 -33.31 -2.83
C GLU B 294 -0.37 -32.69 -4.20
N ASN B 295 0.55 -32.81 -5.16
CA ASN B 295 0.32 -32.30 -6.51
C ASN B 295 -0.98 -32.86 -7.11
N ASP B 296 -1.78 -31.99 -7.71
CA ASP B 296 -2.94 -32.43 -8.47
C ASP B 296 -2.39 -33.27 -9.61
N GLU B 297 -3.21 -34.14 -10.19
CA GLU B 297 -2.82 -34.85 -11.39
C GLU B 297 -3.00 -33.93 -12.59
N MET B 298 -2.04 -33.90 -13.50
CA MET B 298 -2.09 -33.01 -14.65
C MET B 298 -3.02 -33.51 -15.75
N PRO B 299 -3.77 -32.59 -16.39
CA PRO B 299 -4.61 -33.00 -17.52
C PRO B 299 -3.80 -33.86 -18.49
N ALA B 300 -4.45 -34.83 -19.13
CA ALA B 300 -3.73 -35.80 -19.95
C ALA B 300 -3.44 -35.34 -21.37
N ASP B 301 -4.15 -34.33 -21.82
CA ASP B 301 -4.13 -33.97 -23.23
C ASP B 301 -3.04 -32.98 -23.63
N LEU B 302 -2.18 -32.59 -22.68
CA LEU B 302 -1.28 -31.44 -22.89
C LEU B 302 -0.33 -31.54 -24.08
N PRO B 303 -0.40 -30.55 -24.99
CA PRO B 303 0.37 -30.37 -26.22
C PRO B 303 1.82 -30.01 -25.94
N SER B 304 2.66 -30.09 -26.96
CA SER B 304 4.06 -29.73 -26.80
C SER B 304 4.14 -28.22 -26.66
N LEU B 305 5.26 -27.69 -26.16
CA LEU B 305 5.36 -26.25 -25.95
C LEU B 305 5.78 -25.55 -27.24
N ALA B 306 6.28 -26.33 -28.19
CA ALA B 306 6.73 -25.80 -29.49
C ALA B 306 5.79 -24.77 -30.07
N ALA B 307 4.53 -25.15 -30.26
CA ALA B 307 3.56 -24.28 -30.92
C ALA B 307 3.65 -22.81 -30.45
N ASP B 308 3.64 -22.60 -29.14
CA ASP B 308 3.58 -21.26 -28.57
C ASP B 308 4.95 -20.59 -28.37
N PHE B 309 5.97 -21.40 -28.09
CA PHE B 309 7.27 -20.91 -27.63
C PHE B 309 8.44 -21.16 -28.58
N VAL B 310 8.17 -21.67 -29.77
CA VAL B 310 9.25 -21.88 -30.77
C VAL B 310 8.79 -21.72 -32.23
N GLU B 311 7.66 -22.33 -32.55
CA GLU B 311 7.20 -22.40 -33.93
C GLU B 311 6.34 -21.21 -34.32
N SER B 312 5.57 -20.69 -33.38
CA SER B 312 4.80 -19.50 -33.65
C SER B 312 5.75 -18.39 -34.10
N LYS B 313 5.48 -17.81 -35.26
CA LYS B 313 6.03 -16.49 -35.55
C LYS B 313 5.30 -15.62 -34.53
N ASP B 314 5.81 -14.42 -34.26
CA ASP B 314 5.23 -13.59 -33.20
C ASP B 314 5.73 -13.94 -31.77
N VAL B 315 6.63 -14.92 -31.66
CA VAL B 315 7.22 -15.22 -30.37
C VAL B 315 7.97 -14.01 -29.79
N CYS B 316 8.76 -13.34 -30.61
CA CYS B 316 9.47 -12.13 -30.16
C CYS B 316 8.52 -10.98 -29.85
N LYS B 317 7.45 -10.85 -30.64
CA LYS B 317 6.47 -9.81 -30.39
C LYS B 317 5.79 -10.08 -29.06
N ASN B 318 5.37 -11.32 -28.84
CA ASN B 318 4.66 -11.66 -27.62
C ASN B 318 5.57 -11.44 -26.43
N TYR B 319 6.84 -11.79 -26.63
CA TYR B 319 7.83 -11.67 -25.59
C TYR B 319 8.09 -10.21 -25.22
N ALA B 320 8.50 -9.40 -26.20
CA ALA B 320 8.81 -7.98 -25.94
C ALA B 320 7.66 -7.23 -25.30
N GLU B 321 6.45 -7.51 -25.76
CA GLU B 321 5.25 -6.89 -25.23
C GLU B 321 5.14 -7.05 -23.70
N ALA B 322 5.52 -8.22 -23.17
CA ALA B 322 5.54 -8.44 -21.70
C ALA B 322 6.50 -9.56 -21.35
N LYS B 323 7.78 -9.22 -21.27
CA LYS B 323 8.82 -10.23 -21.16
C LYS B 323 8.57 -11.17 -19.98
N ASP B 324 8.40 -10.58 -18.79
CA ASP B 324 8.20 -11.38 -17.60
C ASP B 324 6.94 -12.24 -17.71
N VAL B 325 5.82 -11.67 -18.15
CA VAL B 325 4.61 -12.47 -18.28
C VAL B 325 4.88 -13.67 -19.20
N PHE B 326 5.60 -13.43 -20.30
CA PHE B 326 5.80 -14.46 -21.29
C PHE B 326 6.63 -15.62 -20.70
N LEU B 327 7.80 -15.29 -20.13
CA LEU B 327 8.61 -16.30 -19.45
C LEU B 327 7.80 -16.88 -18.31
N GLY B 328 6.96 -16.07 -17.70
CA GLY B 328 6.03 -16.61 -16.73
C GLY B 328 5.31 -17.80 -17.33
N MET B 329 4.86 -17.63 -18.57
CA MET B 329 3.99 -18.61 -19.20
C MET B 329 4.74 -19.88 -19.49
N PHE B 330 5.86 -19.71 -20.19
CA PHE B 330 6.77 -20.81 -20.47
C PHE B 330 7.07 -21.65 -19.22
N LEU B 331 7.26 -20.97 -18.11
CA LEU B 331 7.58 -21.64 -16.85
C LEU B 331 6.39 -22.46 -16.43
N TYR B 332 5.27 -21.77 -16.19
CA TYR B 332 3.98 -22.42 -15.99
C TYR B 332 3.76 -23.65 -16.88
N GLU B 333 3.80 -23.45 -18.20
CA GLU B 333 3.54 -24.56 -19.11
C GLU B 333 4.51 -25.68 -18.82
N TYR B 334 5.80 -25.33 -18.73
CA TYR B 334 6.84 -26.32 -18.51
C TYR B 334 6.71 -27.02 -17.15
N ALA B 335 6.53 -26.22 -16.10
CA ALA B 335 6.49 -26.80 -14.76
C ALA B 335 5.37 -27.81 -14.59
N ARG B 336 4.17 -27.45 -15.05
CA ARG B 336 2.98 -28.30 -14.84
C ARG B 336 3.10 -29.65 -15.51
N ARG B 337 3.95 -29.74 -16.52
CA ARG B 337 4.19 -31.00 -17.18
C ARG B 337 5.30 -31.77 -16.49
N HIS B 338 5.92 -31.16 -15.50
CA HIS B 338 7.11 -31.75 -14.90
C HIS B 338 7.19 -31.66 -13.38
N PRO B 339 6.23 -32.29 -12.70
CA PRO B 339 6.31 -32.38 -11.24
C PRO B 339 7.55 -33.15 -10.83
N ASP B 340 8.17 -33.82 -11.81
CA ASP B 340 9.34 -34.65 -11.55
C ASP B 340 10.63 -33.83 -11.56
N TYR B 341 10.54 -32.54 -11.88
CA TYR B 341 11.75 -31.71 -11.90
C TYR B 341 11.86 -30.99 -10.61
N SER B 342 13.09 -30.72 -10.23
CA SER B 342 13.38 -29.87 -9.08
C SER B 342 12.91 -28.48 -9.48
N VAL B 343 12.54 -27.66 -8.51
CA VAL B 343 12.06 -26.35 -8.91
C VAL B 343 13.20 -25.54 -9.51
N VAL B 344 14.41 -25.72 -9.00
CA VAL B 344 15.54 -24.98 -9.56
C VAL B 344 15.88 -25.38 -10.98
N LEU B 345 15.74 -26.66 -11.32
CA LEU B 345 16.02 -27.10 -12.68
C LEU B 345 15.11 -26.38 -13.68
N LEU B 346 13.84 -26.24 -13.33
CA LEU B 346 12.93 -25.48 -14.17
C LEU B 346 13.47 -24.06 -14.38
N LEU B 347 13.82 -23.39 -13.29
CA LEU B 347 14.35 -22.04 -13.35
C LEU B 347 15.57 -21.94 -14.27
N ARG B 348 16.40 -22.99 -14.30
CA ARG B 348 17.56 -23.04 -15.18
C ARG B 348 17.12 -23.04 -16.64
N LEU B 349 16.02 -23.76 -16.90
CA LEU B 349 15.47 -23.84 -18.23
C LEU B 349 14.88 -22.48 -18.60
N ALA B 350 14.12 -21.91 -17.67
CA ALA B 350 13.53 -20.58 -17.91
C ALA B 350 14.60 -19.52 -18.13
N LYS B 351 15.68 -19.55 -17.34
CA LYS B 351 16.74 -18.58 -17.58
C LYS B 351 17.28 -18.82 -18.98
N THR B 352 17.56 -20.09 -19.30
CA THR B 352 18.14 -20.46 -20.59
C THR B 352 17.28 -19.99 -21.75
N TYR B 353 16.00 -20.31 -21.69
CA TYR B 353 15.07 -19.86 -22.71
C TYR B 353 15.17 -18.34 -22.79
N GLU B 354 15.31 -17.70 -21.63
CA GLU B 354 15.40 -16.24 -21.54
C GLU B 354 16.60 -15.70 -22.31
N THR B 355 17.76 -16.30 -22.07
CA THR B 355 18.99 -15.85 -22.70
C THR B 355 18.87 -15.88 -24.23
N THR B 356 18.42 -17.00 -24.79
CA THR B 356 18.38 -17.11 -26.25
C THR B 356 17.31 -16.20 -26.87
N LEU B 357 16.10 -16.19 -26.32
CA LEU B 357 15.09 -15.23 -26.77
C LEU B 357 15.66 -13.81 -26.80
N GLU B 358 16.59 -13.51 -25.89
CA GLU B 358 17.21 -12.18 -25.88
C GLU B 358 18.23 -12.05 -27.01
N LYS B 359 18.94 -13.14 -27.27
CA LYS B 359 19.92 -13.19 -28.32
C LYS B 359 19.20 -13.13 -29.65
N CYS B 360 18.34 -14.12 -29.86
CA CYS B 360 17.68 -14.32 -31.15
C CYS B 360 16.74 -13.20 -31.63
N CYS B 361 15.95 -12.62 -30.72
CA CYS B 361 14.98 -11.62 -31.16
C CYS B 361 15.70 -10.34 -31.64
N ALA B 362 17.00 -10.28 -31.35
CA ALA B 362 17.85 -9.20 -31.82
C ALA B 362 18.66 -9.61 -33.05
N ALA B 363 18.46 -10.84 -33.50
CA ALA B 363 19.27 -11.41 -34.60
C ALA B 363 18.63 -11.26 -35.97
N ALA B 364 19.43 -11.44 -37.02
CA ALA B 364 18.99 -11.19 -38.39
C ALA B 364 17.72 -11.97 -38.70
N ASP B 365 17.66 -13.20 -38.22
CA ASP B 365 16.46 -14.03 -38.38
C ASP B 365 16.08 -14.71 -37.05
N PRO B 366 15.37 -13.98 -36.20
CA PRO B 366 14.96 -14.54 -34.90
C PRO B 366 14.41 -15.95 -35.08
N HIS B 367 13.35 -16.10 -35.87
CA HIS B 367 12.62 -17.36 -35.97
C HIS B 367 13.49 -18.58 -36.28
N GLU B 368 14.58 -18.38 -37.00
CA GLU B 368 15.48 -19.46 -37.33
C GLU B 368 16.50 -19.61 -36.22
N CYS B 369 16.92 -18.47 -35.69
CA CYS B 369 17.96 -18.41 -34.67
C CYS B 369 17.54 -19.13 -33.39
N TYR B 370 16.25 -19.02 -33.07
CA TYR B 370 15.75 -19.57 -31.81
C TYR B 370 14.95 -20.86 -32.00
N ALA B 371 15.08 -21.49 -33.16
CA ALA B 371 14.26 -22.65 -33.48
C ALA B 371 14.67 -23.94 -32.75
N LYS B 372 15.97 -24.16 -32.56
CA LYS B 372 16.42 -25.41 -31.95
C LYS B 372 16.74 -25.27 -30.46
N VAL B 373 16.00 -24.39 -29.77
CA VAL B 373 16.35 -24.04 -28.39
C VAL B 373 16.14 -25.15 -27.36
N PHE B 374 15.08 -25.94 -27.51
CA PHE B 374 14.81 -27.04 -26.58
C PHE B 374 15.93 -28.09 -26.58
N ASP B 375 16.90 -27.90 -27.45
CA ASP B 375 18.06 -28.78 -27.47
C ASP B 375 18.92 -28.42 -26.29
N GLU B 376 18.89 -27.14 -25.93
CA GLU B 376 19.75 -26.64 -24.88
C GLU B 376 19.29 -27.20 -23.54
N PHE B 377 17.98 -27.45 -23.45
CA PHE B 377 17.37 -27.95 -22.21
C PHE B 377 17.87 -29.35 -21.86
N LYS B 378 18.16 -30.14 -22.89
CA LYS B 378 18.55 -31.54 -22.71
C LYS B 378 19.65 -31.78 -21.68
N PRO B 379 20.85 -31.20 -21.88
CA PRO B 379 21.95 -31.53 -20.96
C PRO B 379 21.67 -31.01 -19.55
N LEU B 380 20.90 -29.95 -19.42
CA LEU B 380 20.62 -29.39 -18.11
C LEU B 380 19.68 -30.32 -17.36
N VAL B 381 18.69 -30.85 -18.08
CA VAL B 381 17.76 -31.80 -17.50
C VAL B 381 18.51 -33.07 -17.13
N GLU B 382 19.41 -33.51 -17.99
CA GLU B 382 20.11 -34.77 -17.73
C GLU B 382 21.10 -34.68 -16.58
N GLU B 383 21.55 -33.47 -16.23
CA GLU B 383 22.59 -33.32 -15.22
C GLU B 383 22.17 -33.81 -13.82
N PRO B 384 21.04 -33.32 -13.29
CA PRO B 384 20.66 -33.85 -11.99
C PRO B 384 20.10 -35.28 -12.09
N GLN B 385 19.60 -35.65 -13.26
CA GLN B 385 19.04 -36.99 -13.42
C GLN B 385 20.12 -38.05 -13.26
N ASN B 386 21.23 -37.84 -13.96
CA ASN B 386 22.36 -38.76 -13.89
C ASN B 386 23.07 -38.75 -12.53
N LEU B 387 23.17 -37.58 -11.91
CA LEU B 387 23.79 -37.47 -10.60
C LEU B 387 22.95 -38.21 -9.59
N ILE B 388 21.63 -38.17 -9.78
CA ILE B 388 20.70 -38.91 -8.94
C ILE B 388 20.81 -40.42 -9.14
N LYS B 389 20.82 -40.86 -10.39
CA LYS B 389 20.77 -42.29 -10.65
C LYS B 389 22.05 -42.93 -10.15
N GLN B 390 23.17 -42.27 -10.41
CA GLN B 390 24.47 -42.84 -10.11
C GLN B 390 24.66 -42.89 -8.61
N ASN B 391 24.21 -41.85 -7.91
CA ASN B 391 24.38 -41.81 -6.45
C ASN B 391 23.42 -42.75 -5.73
N CYS B 392 22.25 -42.94 -6.32
CA CYS B 392 21.31 -43.93 -5.79
C CYS B 392 21.75 -45.34 -6.19
N GLU B 393 22.52 -45.45 -7.27
CA GLU B 393 23.06 -46.73 -7.70
C GLU B 393 24.06 -47.19 -6.64
N LEU B 394 24.83 -46.22 -6.15
CA LEU B 394 25.89 -46.48 -5.16
C LEU B 394 25.34 -46.74 -3.75
N PHE B 395 24.36 -45.95 -3.35
CA PHE B 395 23.75 -46.15 -2.05
C PHE B 395 23.30 -47.62 -1.93
N GLU B 396 22.61 -48.10 -2.95
CA GLU B 396 22.10 -49.48 -2.94
C GLU B 396 23.25 -50.50 -2.91
N GLN B 397 24.37 -50.16 -3.54
CA GLN B 397 25.55 -51.02 -3.48
C GLN B 397 26.15 -51.07 -2.07
N LEU B 398 26.24 -49.93 -1.40
CA LEU B 398 27.01 -49.85 -0.15
C LEU B 398 26.21 -49.87 1.14
N GLY B 399 24.98 -49.35 1.12
CA GLY B 399 24.19 -49.22 2.33
C GLY B 399 24.54 -47.91 3.02
N GLU B 400 23.64 -47.38 3.84
CA GLU B 400 23.84 -46.01 4.36
C GLU B 400 25.27 -45.73 4.86
N TYR B 401 25.77 -46.54 5.81
CA TYR B 401 27.05 -46.23 6.47
C TYR B 401 28.25 -46.11 5.50
N LYS B 402 28.39 -47.07 4.59
CA LYS B 402 29.48 -47.10 3.63
C LYS B 402 29.35 -46.02 2.55
N PHE B 403 28.11 -45.67 2.22
CA PHE B 403 27.86 -44.60 1.27
C PHE B 403 28.47 -43.34 1.88
N GLN B 404 28.07 -43.09 3.12
CA GLN B 404 28.58 -41.98 3.90
C GLN B 404 30.11 -41.94 3.91
N ASN B 405 30.72 -43.11 4.05
CA ASN B 405 32.17 -43.19 4.06
C ASN B 405 32.74 -42.88 2.69
N ALA B 406 32.02 -43.28 1.65
CA ALA B 406 32.44 -42.96 0.28
C ALA B 406 32.39 -41.47 0.06
N LEU B 407 31.29 -40.86 0.51
CA LEU B 407 31.07 -39.44 0.35
C LEU B 407 32.12 -38.69 1.14
N LEU B 408 32.37 -39.21 2.34
CA LEU B 408 33.33 -38.64 3.27
C LEU B 408 34.67 -38.44 2.59
N VAL B 409 35.15 -39.47 1.90
CA VAL B 409 36.39 -39.37 1.17
C VAL B 409 36.27 -38.36 0.03
N ARG B 410 35.20 -38.46 -0.75
CA ARG B 410 35.00 -37.59 -1.90
C ARG B 410 35.05 -36.10 -1.54
N TYR B 411 34.45 -35.74 -0.41
CA TYR B 411 34.33 -34.33 -0.05
C TYR B 411 35.57 -33.81 0.69
N THR B 412 36.20 -34.67 1.48
CA THR B 412 37.41 -34.29 2.20
C THR B 412 38.51 -33.89 1.19
N LYS B 413 38.69 -34.70 0.16
CA LYS B 413 39.56 -34.36 -0.97
C LYS B 413 39.20 -33.05 -1.68
N LYS B 414 37.91 -32.72 -1.75
CA LYS B 414 37.49 -31.53 -2.47
C LYS B 414 37.78 -30.26 -1.68
N VAL B 415 37.44 -30.26 -0.39
CA VAL B 415 37.78 -29.15 0.49
C VAL B 415 38.33 -29.69 1.81
N PRO B 416 39.63 -30.01 1.83
CA PRO B 416 40.29 -30.61 3.00
C PRO B 416 40.37 -29.64 4.15
N GLN B 417 40.09 -28.35 3.87
CA GLN B 417 40.23 -27.30 4.88
C GLN B 417 39.07 -27.30 5.86
N VAL B 418 37.97 -27.92 5.49
CA VAL B 418 36.82 -27.93 6.37
C VAL B 418 37.08 -28.69 7.67
N SER B 419 36.45 -28.25 8.74
CA SER B 419 36.52 -28.94 10.02
C SER B 419 36.28 -30.44 9.86
N THR B 420 36.90 -31.22 10.71
CA THR B 420 36.68 -32.65 10.61
C THR B 420 35.26 -33.00 11.05
N PRO B 421 34.82 -32.48 12.21
CA PRO B 421 33.45 -32.81 12.64
C PRO B 421 32.43 -32.31 11.63
N THR B 422 32.80 -31.31 10.83
CA THR B 422 31.86 -30.73 9.89
C THR B 422 31.78 -31.59 8.66
N LEU B 423 32.92 -32.12 8.25
CA LEU B 423 32.96 -33.09 7.16
C LEU B 423 32.16 -34.34 7.52
N VAL B 424 32.30 -34.80 8.77
CA VAL B 424 31.58 -35.99 9.23
C VAL B 424 30.06 -35.79 9.23
N GLU B 425 29.61 -34.65 9.76
CA GLU B 425 28.18 -34.36 9.85
C GLU B 425 27.50 -34.27 8.48
N VAL B 426 28.03 -33.45 7.58
CA VAL B 426 27.39 -33.28 6.27
C VAL B 426 27.36 -34.57 5.47
N SER B 427 28.43 -35.35 5.53
CA SER B 427 28.45 -36.67 4.88
C SER B 427 27.39 -37.57 5.50
N ARG B 428 27.32 -37.59 6.82
CA ARG B 428 26.33 -38.44 7.43
C ARG B 428 24.95 -37.97 6.98
N ASN B 429 24.69 -36.69 7.13
CA ASN B 429 23.42 -36.12 6.74
C ASN B 429 23.11 -36.44 5.29
N LEU B 430 24.09 -36.18 4.40
CA LEU B 430 23.95 -36.48 2.97
C LEU B 430 23.55 -37.93 2.77
N GLY B 431 24.30 -38.84 3.39
CA GLY B 431 23.91 -40.23 3.36
C GLY B 431 22.42 -40.37 3.59
N LYS B 432 21.94 -39.71 4.65
CA LYS B 432 20.56 -39.84 5.08
C LYS B 432 19.59 -39.33 4.01
N VAL B 433 20.05 -38.39 3.18
CA VAL B 433 19.23 -37.89 2.08
C VAL B 433 19.06 -39.03 1.08
N GLY B 434 20.13 -39.76 0.83
CA GLY B 434 20.09 -40.91 -0.05
C GLY B 434 19.11 -41.96 0.42
N SER B 435 19.11 -42.22 1.72
CA SER B 435 18.20 -43.20 2.30
C SER B 435 16.74 -42.77 2.16
N LYS B 436 16.48 -41.50 2.41
CA LYS B 436 15.14 -40.95 2.29
C LYS B 436 14.65 -41.02 0.86
N CYS B 437 15.44 -40.47 -0.04
CA CYS B 437 15.00 -40.17 -1.38
C CYS B 437 15.11 -41.34 -2.32
N CYS B 438 16.17 -42.13 -2.18
CA CYS B 438 16.36 -43.25 -3.10
C CYS B 438 15.24 -44.30 -3.01
N LYS B 439 14.58 -44.37 -1.86
CA LYS B 439 13.36 -45.16 -1.71
C LYS B 439 12.21 -44.68 -2.64
N HIS B 440 12.29 -43.47 -3.19
CA HIS B 440 11.29 -42.99 -4.16
C HIS B 440 11.53 -43.55 -5.56
N PRO B 441 10.47 -43.67 -6.37
CA PRO B 441 10.73 -43.89 -7.81
C PRO B 441 11.36 -42.65 -8.45
N GLU B 442 11.84 -42.80 -9.68
CA GLU B 442 12.58 -41.73 -10.37
C GLU B 442 11.85 -40.40 -10.35
N ALA B 443 10.60 -40.43 -10.83
CA ALA B 443 9.77 -39.25 -10.98
C ALA B 443 9.64 -38.40 -9.72
N LYS B 444 9.94 -38.99 -8.55
CA LYS B 444 9.84 -38.25 -7.31
C LYS B 444 11.18 -37.92 -6.66
N ARG B 445 12.26 -38.50 -7.18
CA ARG B 445 13.58 -38.35 -6.55
C ARG B 445 14.11 -36.92 -6.58
N MET B 446 14.01 -36.22 -7.71
CA MET B 446 14.65 -34.90 -7.86
C MET B 446 14.06 -33.79 -6.99
N PRO B 447 12.71 -33.71 -6.90
CA PRO B 447 12.08 -32.82 -5.93
C PRO B 447 12.53 -33.14 -4.51
N CYS B 448 12.58 -34.43 -4.22
CA CYS B 448 13.00 -34.93 -2.91
C CYS B 448 14.42 -34.46 -2.58
N ALA B 449 15.32 -34.60 -3.54
CA ALA B 449 16.72 -34.25 -3.32
C ALA B 449 16.84 -32.74 -3.18
N GLU B 450 16.11 -32.01 -4.02
CA GLU B 450 16.10 -30.55 -3.94
C GLU B 450 15.78 -30.14 -2.52
N ASP B 451 14.65 -30.64 -2.04
CA ASP B 451 14.17 -30.38 -0.70
C ASP B 451 15.25 -30.54 0.37
N TYR B 452 15.87 -31.72 0.38
CA TYR B 452 16.78 -32.10 1.45
C TYR B 452 18.17 -31.49 1.32
N LEU B 453 18.67 -31.41 0.09
CA LEU B 453 19.97 -30.82 -0.15
C LEU B 453 19.88 -29.34 0.19
N SER B 454 18.72 -28.75 -0.07
CA SER B 454 18.50 -27.36 0.27
C SER B 454 18.86 -27.11 1.73
N VAL B 455 18.35 -27.96 2.62
CA VAL B 455 18.61 -27.79 4.05
C VAL B 455 20.07 -28.10 4.41
N VAL B 456 20.56 -29.26 3.96
CA VAL B 456 21.92 -29.63 4.28
C VAL B 456 22.92 -28.60 3.77
N LEU B 457 22.75 -28.23 2.50
CA LEU B 457 23.69 -27.35 1.83
C LEU B 457 23.60 -25.96 2.42
N ASN B 458 22.51 -25.70 3.11
CA ASN B 458 22.34 -24.39 3.68
C ASN B 458 23.01 -24.23 5.03
N GLN B 459 22.79 -25.19 5.94
CA GLN B 459 23.43 -25.16 7.26
C GLN B 459 24.94 -25.26 7.03
N LEU B 460 25.29 -25.81 5.89
CA LEU B 460 26.65 -25.83 5.40
C LEU B 460 27.18 -24.42 5.20
N CYS B 461 26.46 -23.62 4.43
CA CYS B 461 26.89 -22.25 4.15
C CYS B 461 26.84 -21.39 5.43
N VAL B 462 25.80 -21.56 6.22
CA VAL B 462 25.65 -20.76 7.44
C VAL B 462 26.87 -20.92 8.35
N LEU B 463 27.30 -22.17 8.56
CA LEU B 463 28.54 -22.48 9.27
C LEU B 463 29.75 -21.82 8.63
N HIS B 464 29.87 -21.97 7.31
CA HIS B 464 30.97 -21.35 6.57
C HIS B 464 31.00 -19.83 6.77
N GLU B 465 29.87 -19.17 6.59
CA GLU B 465 29.81 -17.73 6.81
C GLU B 465 30.45 -17.36 8.15
N LYS B 466 30.09 -18.09 9.21
CA LYS B 466 30.61 -17.81 10.55
C LYS B 466 32.10 -18.12 10.68
N THR B 467 32.56 -19.16 10.00
CA THR B 467 33.97 -19.54 10.07
C THR B 467 34.46 -19.95 8.68
N PRO B 468 34.74 -18.97 7.81
CA PRO B 468 35.10 -19.24 6.40
C PRO B 468 36.44 -19.93 6.26
N VAL B 469 36.64 -20.62 5.15
CA VAL B 469 37.80 -21.49 5.06
C VAL B 469 38.12 -21.89 3.64
N SER B 470 37.30 -21.43 2.70
CA SER B 470 37.47 -21.83 1.31
C SER B 470 36.79 -20.87 0.36
N ASP B 471 37.59 -20.16 -0.43
CA ASP B 471 37.05 -19.21 -1.40
C ASP B 471 36.05 -19.89 -2.31
N ARG B 472 36.22 -21.19 -2.53
CA ARG B 472 35.30 -21.91 -3.44
C ARG B 472 33.94 -22.20 -2.79
N VAL B 473 33.94 -22.45 -1.49
CA VAL B 473 32.69 -22.69 -0.79
C VAL B 473 31.99 -21.35 -0.53
N THR B 474 32.76 -20.29 -0.37
CA THR B 474 32.19 -18.96 -0.19
C THR B 474 31.42 -18.60 -1.45
N LYS B 475 32.04 -18.88 -2.59
CA LYS B 475 31.45 -18.60 -3.89
C LYS B 475 30.12 -19.37 -4.10
N CYS B 476 30.09 -20.67 -3.83
CA CYS B 476 28.82 -21.42 -3.97
C CYS B 476 27.69 -20.90 -3.07
N CYS B 477 28.03 -20.62 -1.81
CA CYS B 477 27.09 -20.13 -0.79
C CYS B 477 26.56 -18.72 -1.01
N THR B 478 27.21 -17.94 -1.86
CA THR B 478 26.84 -16.53 -2.07
C THR B 478 26.38 -16.30 -3.50
N GLU B 479 26.69 -17.25 -4.38
CA GLU B 479 26.27 -17.17 -5.76
C GLU B 479 24.76 -17.35 -5.85
N SER B 480 24.28 -17.60 -7.06
CA SER B 480 22.88 -17.89 -7.31
C SER B 480 22.39 -19.05 -6.44
N LEU B 481 21.25 -18.87 -5.78
CA LEU B 481 20.56 -19.99 -5.12
C LEU B 481 20.12 -21.04 -6.15
N VAL B 482 19.89 -20.62 -7.38
CA VAL B 482 19.56 -21.56 -8.44
C VAL B 482 20.79 -22.42 -8.75
N ASN B 483 21.96 -21.77 -8.84
CA ASN B 483 23.23 -22.46 -9.14
C ASN B 483 23.97 -22.97 -7.90
N ARG B 484 23.41 -22.74 -6.71
CA ARG B 484 24.04 -23.27 -5.52
C ARG B 484 24.45 -24.75 -5.67
N ARG B 485 23.48 -25.63 -5.91
CA ARG B 485 23.82 -27.07 -5.89
C ARG B 485 24.82 -27.50 -6.96
N PRO B 486 24.62 -27.07 -8.22
CA PRO B 486 25.58 -27.34 -9.30
C PRO B 486 26.99 -26.85 -8.93
N CYS B 487 27.07 -25.76 -8.17
CA CYS B 487 28.37 -25.24 -7.78
C CYS B 487 29.15 -26.17 -6.82
N PHE B 488 28.46 -26.76 -5.85
CA PHE B 488 29.09 -27.74 -4.96
C PHE B 488 29.48 -29.01 -5.72
N SER B 489 28.67 -29.37 -6.71
CA SER B 489 28.90 -30.56 -7.53
C SER B 489 30.02 -30.33 -8.54
N ALA B 490 30.34 -29.07 -8.79
CA ALA B 490 31.43 -28.73 -9.69
C ALA B 490 32.79 -28.67 -8.96
N LEU B 491 32.73 -28.72 -7.63
CA LEU B 491 33.94 -28.68 -6.82
C LEU B 491 34.81 -29.86 -7.15
N GLU B 492 36.12 -29.61 -7.18
CA GLU B 492 37.09 -30.62 -7.59
C GLU B 492 38.12 -30.88 -6.52
N VAL B 493 38.75 -32.06 -6.58
CA VAL B 493 39.83 -32.37 -5.66
C VAL B 493 40.78 -31.20 -5.60
N ASP B 494 41.15 -30.81 -4.38
CA ASP B 494 42.12 -29.74 -4.18
C ASP B 494 43.53 -30.26 -4.35
N GLU B 495 44.06 -30.17 -5.57
CA GLU B 495 45.41 -30.61 -5.88
C GLU B 495 46.46 -29.70 -5.22
N THR B 496 46.02 -28.53 -4.79
CA THR B 496 46.87 -27.55 -4.10
C THR B 496 47.20 -27.96 -2.66
N TYR B 497 46.22 -28.55 -1.97
CA TYR B 497 46.27 -28.77 -0.52
C TYR B 497 47.54 -29.50 -0.05
N VAL B 498 48.14 -28.97 1.02
CA VAL B 498 49.32 -29.58 1.63
C VAL B 498 48.92 -30.57 2.72
N PRO B 499 49.35 -31.83 2.57
CA PRO B 499 49.03 -32.96 3.46
C PRO B 499 49.23 -32.66 4.94
N LYS B 500 48.31 -33.16 5.75
CA LYS B 500 48.31 -32.85 7.16
C LYS B 500 49.39 -33.59 7.92
N GLU B 501 49.96 -32.91 8.91
CA GLU B 501 50.93 -33.50 9.81
C GLU B 501 50.41 -34.77 10.46
N PHE B 502 51.21 -35.83 10.43
CA PHE B 502 50.83 -37.02 11.15
C PHE B 502 50.85 -36.76 12.65
N ASN B 503 49.67 -36.84 13.28
CA ASN B 503 49.61 -36.87 14.74
C ASN B 503 49.23 -38.27 15.20
N ALA B 504 50.02 -38.80 16.13
CA ALA B 504 49.91 -40.20 16.51
C ALA B 504 48.64 -40.50 17.30
N GLU B 505 48.24 -39.56 18.17
CA GLU B 505 47.09 -39.79 19.02
C GLU B 505 45.85 -39.89 18.17
N THR B 506 45.81 -39.08 17.12
CA THR B 506 44.72 -39.11 16.16
C THR B 506 44.39 -40.55 15.72
N PHE B 507 45.42 -41.37 15.57
CA PHE B 507 45.23 -42.72 15.06
C PHE B 507 45.49 -43.77 16.11
N THR B 508 45.29 -43.37 17.36
CA THR B 508 45.40 -44.28 18.48
C THR B 508 44.00 -44.67 18.92
N PHE B 509 43.77 -45.96 19.10
CA PHE B 509 42.44 -46.43 19.47
C PHE B 509 42.42 -47.29 20.74
N HIS B 510 41.43 -47.00 21.59
CA HIS B 510 41.27 -47.69 22.86
C HIS B 510 39.98 -48.51 22.89
N ALA B 511 39.89 -49.42 23.85
CA ALA B 511 38.80 -50.38 23.93
C ALA B 511 37.43 -49.75 24.24
N ASP B 512 37.45 -48.48 24.62
CA ASP B 512 36.23 -47.76 24.97
C ASP B 512 35.28 -47.64 23.78
N ILE B 513 35.76 -48.00 22.60
CA ILE B 513 34.94 -47.89 21.41
C ILE B 513 34.29 -49.22 21.07
N CYS B 514 34.48 -50.20 21.96
CA CYS B 514 33.76 -51.45 21.89
C CYS B 514 32.45 -51.29 22.65
N THR B 515 32.46 -50.35 23.60
CA THR B 515 31.31 -50.07 24.45
C THR B 515 30.37 -49.10 23.76
N LEU B 516 30.94 -48.17 23.00
CA LEU B 516 30.17 -47.16 22.29
C LEU B 516 28.96 -47.72 21.55
N SER B 517 27.94 -46.89 21.40
CA SER B 517 26.78 -47.26 20.58
C SER B 517 27.21 -47.29 19.12
N GLU B 518 26.44 -47.96 18.26
CA GLU B 518 26.81 -48.00 16.84
C GLU B 518 26.95 -46.58 16.29
N LYS B 519 26.10 -45.65 16.73
CA LYS B 519 26.17 -44.28 16.26
C LYS B 519 27.53 -43.65 16.51
N GLU B 520 27.99 -43.72 17.75
CA GLU B 520 29.23 -43.04 18.16
C GLU B 520 30.51 -43.78 17.79
N ARG B 521 30.41 -45.11 17.68
CA ARG B 521 31.47 -45.96 17.14
C ARG B 521 31.69 -45.48 15.70
N GLN B 522 30.58 -45.38 14.96
CA GLN B 522 30.62 -44.91 13.58
C GLN B 522 31.25 -43.53 13.47
N ILE B 523 30.81 -42.60 14.30
CA ILE B 523 31.41 -41.27 14.25
C ILE B 523 32.89 -41.35 14.68
N LYS B 524 33.22 -42.32 15.53
CA LYS B 524 34.60 -42.51 15.93
C LYS B 524 35.40 -42.94 14.71
N LYS B 525 34.91 -43.94 14.01
CA LYS B 525 35.58 -44.44 12.82
C LYS B 525 35.60 -43.38 11.70
N GLN B 526 34.50 -42.66 11.55
CA GLN B 526 34.39 -41.71 10.43
C GLN B 526 35.28 -40.47 10.64
N THR B 527 35.43 -40.06 11.89
CA THR B 527 36.38 -39.01 12.25
C THR B 527 37.80 -39.41 11.83
N ALA B 528 38.21 -40.63 12.20
CA ALA B 528 39.50 -41.18 11.82
C ALA B 528 39.68 -41.21 10.30
N LEU B 529 38.63 -41.60 9.58
CA LEU B 529 38.74 -41.71 8.13
C LEU B 529 39.01 -40.35 7.48
N VAL B 530 38.28 -39.31 7.94
CA VAL B 530 38.52 -37.95 7.48
C VAL B 530 39.97 -37.52 7.77
N GLU B 531 40.41 -37.73 9.00
CA GLU B 531 41.81 -37.45 9.36
C GLU B 531 42.80 -38.20 8.49
N LEU B 532 42.51 -39.48 8.23
CA LEU B 532 43.38 -40.30 7.40
C LEU B 532 43.54 -39.67 6.04
N VAL B 533 42.43 -39.23 5.50
CA VAL B 533 42.40 -38.71 4.15
C VAL B 533 43.06 -37.35 4.11
N LYS B 534 43.04 -36.66 5.26
CA LYS B 534 43.69 -35.37 5.37
C LYS B 534 45.20 -35.51 5.49
N HIS B 535 45.65 -36.61 6.11
CA HIS B 535 47.07 -36.88 6.31
C HIS B 535 47.77 -37.41 5.05
N LYS B 536 47.07 -38.23 4.27
CA LYS B 536 47.60 -38.69 2.99
C LYS B 536 46.52 -38.59 1.94
N PRO B 537 46.33 -37.38 1.39
CA PRO B 537 45.24 -37.03 0.47
C PRO B 537 45.41 -37.54 -0.96
N LYS B 538 46.57 -38.11 -1.29
CA LYS B 538 46.75 -38.68 -2.63
C LYS B 538 46.53 -40.19 -2.61
N ALA B 539 46.14 -40.71 -1.46
CA ALA B 539 45.83 -42.13 -1.32
C ALA B 539 44.70 -42.54 -2.26
N THR B 540 44.78 -43.78 -2.74
CA THR B 540 43.85 -44.31 -3.74
C THR B 540 42.63 -44.94 -3.10
N LYS B 541 41.51 -44.96 -3.82
CA LYS B 541 40.33 -45.62 -3.30
C LYS B 541 40.70 -47.06 -2.93
N GLU B 542 41.63 -47.63 -3.69
CA GLU B 542 42.12 -48.98 -3.45
C GLU B 542 42.96 -49.09 -2.18
N GLN B 543 43.95 -48.21 -2.05
CA GLN B 543 44.78 -48.19 -0.85
C GLN B 543 43.93 -47.92 0.39
N LEU B 544 42.93 -47.04 0.25
CA LEU B 544 42.08 -46.63 1.35
C LEU B 544 41.26 -47.82 1.86
N LYS B 545 40.67 -48.55 0.93
CA LYS B 545 39.94 -49.79 1.24
C LYS B 545 40.88 -50.77 1.93
N ALA B 546 42.11 -50.82 1.46
CA ALA B 546 43.13 -51.71 2.04
C ALA B 546 43.41 -51.41 3.51
N VAL B 547 43.37 -50.12 3.87
CA VAL B 547 43.61 -49.69 5.23
C VAL B 547 42.34 -49.81 6.11
N MET B 548 41.21 -49.41 5.57
CA MET B 548 39.94 -49.57 6.26
C MET B 548 39.65 -51.04 6.57
N ASP B 549 39.85 -51.92 5.60
CA ASP B 549 39.70 -53.35 5.88
C ASP B 549 40.63 -53.80 6.99
N ASP B 550 41.90 -53.45 6.86
CA ASP B 550 42.88 -53.71 7.90
C ASP B 550 42.39 -53.18 9.25
N PHE B 551 41.92 -51.94 9.26
CA PHE B 551 41.42 -51.34 10.49
C PHE B 551 40.17 -52.06 11.00
N ALA B 552 39.18 -52.27 10.13
CA ALA B 552 37.98 -53.02 10.48
C ALA B 552 38.35 -54.36 11.12
N ALA B 553 39.19 -55.14 10.44
CA ALA B 553 39.63 -56.41 10.99
C ALA B 553 40.28 -56.24 12.35
N PHE B 554 41.02 -55.14 12.51
CA PHE B 554 41.75 -54.88 13.76
C PHE B 554 40.79 -54.71 14.93
N VAL B 555 39.74 -53.93 14.71
CA VAL B 555 38.70 -53.71 15.70
C VAL B 555 38.01 -55.00 16.16
N GLU B 556 37.72 -55.90 15.23
CA GLU B 556 37.00 -57.12 15.57
C GLU B 556 37.88 -58.19 16.23
N LYS B 557 39.19 -58.02 16.15
CA LYS B 557 40.10 -58.92 16.86
C LYS B 557 40.32 -58.44 18.29
N CYS B 558 40.64 -57.16 18.42
CA CYS B 558 40.86 -56.59 19.73
C CYS B 558 39.57 -56.41 20.54
N CYS B 559 38.41 -56.52 19.88
CA CYS B 559 37.13 -56.47 20.59
C CYS B 559 36.58 -57.86 20.87
N LYS B 560 37.46 -58.85 20.84
CA LYS B 560 37.07 -60.23 21.08
C LYS B 560 38.21 -60.82 21.92
N ALA B 561 39.03 -59.93 22.45
CA ALA B 561 40.27 -60.34 23.11
C ALA B 561 40.20 -60.20 24.63
N ASP B 562 40.88 -61.10 25.31
CA ASP B 562 41.15 -60.94 26.73
C ASP B 562 42.33 -59.99 26.82
N ASP B 563 42.31 -59.12 27.83
CA ASP B 563 43.21 -57.98 27.87
C ASP B 563 43.01 -57.16 26.59
N LYS B 564 41.95 -56.37 26.59
CA LYS B 564 41.55 -55.64 25.40
C LYS B 564 42.46 -54.46 25.07
N GLU B 565 42.76 -53.63 26.06
CA GLU B 565 43.49 -52.39 25.80
C GLU B 565 44.93 -52.61 25.36
N THR B 566 45.49 -53.77 25.72
CA THR B 566 46.86 -54.11 25.34
C THR B 566 46.89 -54.61 23.89
N CYS B 567 45.80 -55.21 23.46
CA CYS B 567 45.66 -55.64 22.08
C CYS B 567 45.60 -54.40 21.19
N PHE B 568 44.86 -53.40 21.64
CA PHE B 568 44.70 -52.14 20.91
C PHE B 568 46.01 -51.38 20.81
N ALA B 569 46.84 -51.51 21.84
CA ALA B 569 48.13 -50.86 21.84
C ALA B 569 49.11 -51.61 20.94
N GLU B 570 49.23 -52.92 21.14
CA GLU B 570 50.15 -53.73 20.35
C GLU B 570 49.72 -53.81 18.88
N GLU B 571 48.55 -54.41 18.63
CA GLU B 571 48.00 -54.48 17.30
C GLU B 571 47.84 -53.07 16.68
N GLY B 572 47.52 -52.09 17.52
CA GLY B 572 47.36 -50.72 17.05
C GLY B 572 48.64 -50.14 16.48
N LYS B 573 49.76 -50.39 17.17
CA LYS B 573 51.06 -49.95 16.69
C LYS B 573 51.42 -50.60 15.35
N LYS B 574 51.13 -51.90 15.23
CA LYS B 574 51.32 -52.62 13.97
C LYS B 574 50.47 -52.01 12.87
N LEU B 575 49.17 -51.85 13.13
CA LEU B 575 48.23 -51.37 12.11
C LEU B 575 48.71 -50.06 11.52
N VAL B 576 49.06 -49.13 12.40
CA VAL B 576 49.51 -47.82 11.98
C VAL B 576 50.80 -47.86 11.15
N ALA B 577 51.83 -48.51 11.68
CA ALA B 577 53.12 -48.62 10.98
C ALA B 577 52.93 -49.24 9.60
N ALA B 578 52.24 -50.38 9.57
CA ALA B 578 51.93 -51.07 8.33
C ALA B 578 51.24 -50.10 7.41
N SER B 579 50.28 -49.38 7.97
CA SER B 579 49.51 -48.42 7.20
C SER B 579 50.37 -47.27 6.67
N GLN B 580 51.09 -46.62 7.56
CA GLN B 580 52.01 -45.56 7.11
C GLN B 580 52.83 -46.07 5.91
N ALA B 581 53.15 -47.36 5.91
CA ALA B 581 54.03 -47.91 4.88
C ALA B 581 53.32 -48.17 3.55
N ALA B 582 52.09 -48.66 3.61
CA ALA B 582 51.33 -48.92 2.38
C ALA B 582 51.13 -47.59 1.71
N LEU B 583 50.96 -46.57 2.53
CA LEU B 583 50.83 -45.23 2.04
C LEU B 583 52.18 -44.52 2.09
#